data_7QIE
#
_entry.id   7QIE
#
_cell.length_a   49.414
_cell.length_b   114.794
_cell.length_c   146.853
_cell.angle_alpha   90.000
_cell.angle_beta   95.510
_cell.angle_gamma   90.000
#
_symmetry.space_group_name_H-M   'P 1 21 1'
#
loop_
_entity.id
_entity.type
_entity.pdbx_description
1 polymer 'Phosphatidylinositol 5-phosphate 4-kinase type-2 gamma'
2 non-polymer 5-methyl-2-(2-propan-2-ylphenyl)-~{N}-(pyridin-2-ylmethyl)pyrrolo[3,2-d]pyrimidin-4-amine
3 water water
#
_entity_poly.entity_id   1
_entity_poly.type   'polypeptide(L)'
_entity_poly.pdbx_seq_one_letter_code
;MGHHHHHHENLYFQGHFVQQKVKVFRAADPLVGVFLWGVAHSINELSQVPPPVMLLPDDFKASSKIKVNNHLFHRENLPS
HFKFKEYCPQVFRNLRDRFGIDDQDYLVSLTRNPPSESEGSDGRFLISYDRTLVIKEVSSEDIADMHSNLSNYHQYIVKC
HGNTLLPQFLGMYRVSVDNEDSYMLVMRNMFSHRLPVHRKYDLKGSLVSREASDKEKVKELPTLKDMDFLNKNQKVYIGE
EEKKIFLEKLKRDVEFLVQLKIMDYSLLLGIHDIIRGSEPEEELGPGEFESFIDVYAIRSAEGAPQKEVYFMGLIDILTQ
YDAKKKAAHAAKTVKHGAGAEISTVHPEQYAKRFLDFITNIFA
;
_entity_poly.pdbx_strand_id   A,B,C,D
#
# COMPACT_ATOMS: atom_id res chain seq x y z
N ASP A 29 -6.55 -39.79 -31.04
CA ASP A 29 -7.41 -38.58 -31.11
C ASP A 29 -7.11 -37.62 -29.96
N PRO A 30 -6.98 -36.30 -30.22
CA PRO A 30 -6.79 -35.30 -29.17
C PRO A 30 -7.87 -35.35 -28.06
N LEU A 31 -9.14 -35.33 -28.44
CA LEU A 31 -10.24 -35.24 -27.45
C LEU A 31 -10.15 -36.39 -26.46
N VAL A 32 -9.88 -37.61 -26.91
CA VAL A 32 -9.80 -38.78 -25.98
C VAL A 32 -8.55 -38.62 -25.09
N GLY A 33 -7.42 -38.20 -25.65
CA GLY A 33 -6.17 -38.06 -24.89
C GLY A 33 -6.35 -37.12 -23.71
N VAL A 34 -6.90 -35.94 -24.00
CA VAL A 34 -7.20 -34.88 -23.00
C VAL A 34 -8.19 -35.46 -21.99
N PHE A 35 -9.23 -36.12 -22.47
CA PHE A 35 -10.26 -36.75 -21.60
C PHE A 35 -9.57 -37.66 -20.58
N LEU A 36 -8.70 -38.55 -21.03
CA LEU A 36 -8.11 -39.58 -20.17
C LEU A 36 -7.14 -38.92 -19.19
N TRP A 37 -6.44 -37.88 -19.64
CA TRP A 37 -5.53 -37.06 -18.81
C TRP A 37 -6.35 -36.40 -17.70
N GLY A 38 -7.49 -35.80 -18.06
CA GLY A 38 -8.38 -35.05 -17.17
C GLY A 38 -8.98 -35.94 -16.10
N VAL A 39 -9.36 -37.14 -16.49
CA VAL A 39 -9.95 -38.15 -15.54
C VAL A 39 -8.88 -38.45 -14.49
N ALA A 40 -7.66 -38.71 -14.94
CA ALA A 40 -6.51 -39.08 -14.08
C ALA A 40 -6.23 -37.91 -13.13
N HIS A 41 -6.19 -36.72 -13.70
CA HIS A 41 -5.93 -35.46 -12.96
C HIS A 41 -7.00 -35.24 -11.88
N SER A 42 -8.26 -35.39 -12.24
CA SER A 42 -9.40 -35.08 -11.35
C SER A 42 -9.51 -36.15 -10.27
N ILE A 43 -9.27 -37.42 -10.57
CA ILE A 43 -9.37 -38.49 -9.55
C ILE A 43 -8.26 -38.27 -8.52
N ASN A 44 -7.11 -37.77 -8.97
CA ASN A 44 -5.94 -37.51 -8.09
C ASN A 44 -6.24 -36.33 -7.13
N GLU A 45 -6.73 -35.22 -7.66
CA GLU A 45 -7.27 -34.10 -6.85
C GLU A 45 -8.26 -34.63 -5.81
N LEU A 46 -9.18 -35.49 -6.20
CA LEU A 46 -10.23 -35.95 -5.27
C LEU A 46 -9.63 -36.85 -4.20
N SER A 47 -8.50 -37.52 -4.45
CA SER A 47 -7.91 -38.41 -3.41
C SER A 47 -7.41 -37.53 -2.24
N GLN A 48 -6.93 -36.33 -2.53
CA GLN A 48 -6.54 -35.31 -1.51
C GLN A 48 -7.79 -34.90 -0.69
N VAL A 49 -8.92 -34.58 -1.31
CA VAL A 49 -10.20 -34.18 -0.62
C VAL A 49 -10.77 -35.40 0.12
N PRO A 50 -11.17 -35.32 1.40
CA PRO A 50 -11.94 -36.37 2.02
C PRO A 50 -13.41 -36.27 1.59
N PRO A 51 -14.11 -37.42 1.47
CA PRO A 51 -15.52 -37.45 1.04
C PRO A 51 -16.40 -36.85 2.13
N PRO A 52 -17.30 -35.90 1.82
CA PRO A 52 -18.23 -35.37 2.80
C PRO A 52 -19.20 -36.49 3.18
N VAL A 53 -19.86 -36.34 4.33
CA VAL A 53 -20.90 -37.29 4.82
C VAL A 53 -22.23 -36.95 4.17
N MET A 54 -22.35 -35.74 3.63
CA MET A 54 -23.64 -35.16 3.18
C MET A 54 -23.40 -34.17 2.04
N LEU A 55 -24.17 -34.22 0.97
CA LEU A 55 -23.99 -33.25 -0.14
C LEU A 55 -24.79 -32.00 0.20
N LEU A 56 -24.40 -30.87 -0.36
CA LEU A 56 -25.08 -29.58 -0.09
C LEU A 56 -25.50 -28.97 -1.42
N PRO A 57 -26.55 -28.13 -1.42
CA PRO A 57 -27.05 -27.49 -2.63
C PRO A 57 -25.98 -27.00 -3.60
N ASP A 58 -24.89 -26.44 -3.07
CA ASP A 58 -23.82 -25.85 -3.90
C ASP A 58 -23.01 -26.97 -4.58
N ASP A 59 -22.88 -28.14 -3.97
CA ASP A 59 -22.13 -29.23 -4.62
C ASP A 59 -22.70 -29.54 -6.01
N PHE A 60 -23.98 -29.23 -6.27
CA PHE A 60 -24.67 -29.51 -7.56
C PHE A 60 -24.54 -28.31 -8.52
N LYS A 61 -23.85 -27.24 -8.12
CA LYS A 61 -23.58 -26.08 -9.01
C LYS A 61 -22.07 -25.90 -9.15
N ALA A 62 -21.31 -26.83 -8.58
CA ALA A 62 -19.84 -26.81 -8.52
C ALA A 62 -19.21 -27.33 -9.80
N SER A 63 -17.94 -27.00 -9.99
CA SER A 63 -17.07 -27.53 -11.07
C SER A 63 -15.60 -27.39 -10.65
N SER A 64 -14.72 -28.18 -11.28
CA SER A 64 -13.25 -28.02 -11.31
C SER A 64 -12.79 -27.72 -12.73
N LYS A 65 -12.18 -26.58 -13.05
CA LYS A 65 -11.59 -26.29 -14.39
C LYS A 65 -10.07 -26.34 -14.33
N ILE A 66 -9.42 -26.69 -15.43
CA ILE A 66 -7.94 -26.69 -15.62
C ILE A 66 -7.71 -26.17 -17.03
N LYS A 67 -6.97 -25.10 -17.22
CA LYS A 67 -6.53 -24.65 -18.54
C LYS A 67 -5.02 -24.89 -18.60
N VAL A 68 -4.56 -25.70 -19.54
CA VAL A 68 -3.12 -26.05 -19.71
C VAL A 68 -2.65 -25.38 -20.99
N ASN A 69 -1.40 -24.93 -21.02
CA ASN A 69 -0.82 -24.25 -22.19
C ASN A 69 0.69 -24.49 -22.22
N ASN A 70 1.13 -25.51 -22.95
CA ASN A 70 2.55 -25.88 -23.13
C ASN A 70 3.08 -25.23 -24.41
N HIS A 71 3.97 -24.26 -24.30
CA HIS A 71 4.67 -23.61 -25.44
C HIS A 71 5.99 -24.35 -25.70
N LEU A 72 6.14 -24.95 -26.89
CA LEU A 72 7.38 -25.63 -27.37
C LEU A 72 7.74 -26.79 -26.45
N PHE A 73 6.71 -27.45 -25.91
CA PHE A 73 6.86 -28.61 -25.00
C PHE A 73 5.73 -29.60 -25.20
N HIS A 74 6.09 -30.89 -25.04
CA HIS A 74 5.25 -32.10 -24.65
C HIS A 74 4.66 -32.69 -25.91
N ARG A 75 5.14 -32.17 -27.05
CA ARG A 75 4.46 -32.26 -28.37
C ARG A 75 3.68 -33.58 -28.46
N GLU A 76 4.15 -34.62 -27.75
CA GLU A 76 3.63 -36.01 -27.79
C GLU A 76 2.23 -36.09 -27.13
N ASN A 77 1.22 -36.46 -27.93
CA ASN A 77 0.02 -37.26 -27.51
C ASN A 77 -1.10 -36.29 -27.10
N LEU A 78 -0.79 -35.31 -26.24
CA LEU A 78 -1.66 -34.15 -25.92
C LEU A 78 -1.34 -33.01 -26.88
N PRO A 79 -2.32 -32.12 -27.13
CA PRO A 79 -2.04 -30.83 -27.75
C PRO A 79 -1.43 -29.84 -26.74
N SER A 80 -1.05 -28.68 -27.26
CA SER A 80 -0.27 -27.69 -26.49
C SER A 80 -1.22 -26.75 -25.73
N HIS A 81 -2.46 -26.66 -26.15
CA HIS A 81 -3.54 -25.88 -25.51
C HIS A 81 -4.71 -26.82 -25.29
N PHE A 82 -5.19 -26.92 -24.06
CA PHE A 82 -6.48 -27.60 -23.80
C PHE A 82 -7.00 -27.17 -22.45
N LYS A 83 -8.31 -27.31 -22.28
CA LYS A 83 -9.02 -27.15 -20.98
C LYS A 83 -9.72 -28.46 -20.66
N PHE A 84 -10.09 -28.64 -19.41
CA PHE A 84 -10.80 -29.83 -18.92
C PHE A 84 -11.63 -29.38 -17.72
N LYS A 85 -12.91 -29.73 -17.65
CA LYS A 85 -13.82 -29.25 -16.58
C LYS A 85 -14.58 -30.45 -16.05
N GLU A 86 -14.57 -30.71 -14.75
CA GLU A 86 -15.40 -31.76 -14.16
C GLU A 86 -16.59 -31.05 -13.53
N TYR A 87 -17.79 -31.44 -13.89
CA TYR A 87 -19.05 -30.92 -13.31
C TYR A 87 -19.29 -31.69 -12.00
N CYS A 88 -19.64 -30.97 -10.95
CA CYS A 88 -20.11 -31.52 -9.65
C CYS A 88 -19.24 -32.67 -9.17
N PRO A 89 -17.92 -32.49 -8.98
CA PRO A 89 -17.03 -33.57 -8.59
C PRO A 89 -17.51 -34.29 -7.34
N GLN A 90 -18.05 -33.58 -6.35
CA GLN A 90 -18.45 -34.21 -5.06
C GLN A 90 -19.69 -35.11 -5.28
N VAL A 91 -20.58 -34.70 -6.19
CA VAL A 91 -21.87 -35.42 -6.41
C VAL A 91 -21.57 -36.72 -7.17
N PHE A 92 -20.76 -36.64 -8.21
CA PHE A 92 -20.40 -37.80 -9.04
C PHE A 92 -19.57 -38.78 -8.22
N ARG A 93 -18.65 -38.29 -7.41
CA ARG A 93 -17.92 -39.16 -6.46
C ARG A 93 -18.91 -39.89 -5.53
N ASN A 94 -19.91 -39.20 -5.01
CA ASN A 94 -20.91 -39.83 -4.12
C ASN A 94 -21.73 -40.84 -4.92
N LEU A 95 -22.07 -40.55 -6.17
CA LEU A 95 -22.87 -41.47 -7.01
C LEU A 95 -22.04 -42.72 -7.30
N ARG A 96 -20.76 -42.57 -7.64
CA ARG A 96 -19.87 -43.72 -7.86
C ARG A 96 -19.90 -44.57 -6.59
N ASP A 97 -19.81 -43.93 -5.44
CA ASP A 97 -19.81 -44.68 -4.16
C ASP A 97 -21.13 -45.45 -4.07
N ARG A 98 -22.25 -44.77 -4.32
CA ARG A 98 -23.61 -45.32 -4.07
C ARG A 98 -23.90 -46.46 -5.03
N PHE A 99 -23.24 -46.49 -6.18
CA PHE A 99 -23.38 -47.57 -7.18
C PHE A 99 -22.27 -48.61 -6.97
N GLY A 100 -21.58 -48.59 -5.84
CA GLY A 100 -20.57 -49.61 -5.51
C GLY A 100 -19.35 -49.57 -6.43
N ILE A 101 -19.00 -48.40 -6.95
CA ILE A 101 -17.74 -48.22 -7.74
C ILE A 101 -16.74 -47.39 -6.94
N ASP A 102 -15.54 -47.94 -6.76
CA ASP A 102 -14.38 -47.35 -6.05
C ASP A 102 -13.65 -46.39 -7.00
N ASP A 103 -13.27 -45.21 -6.51
CA ASP A 103 -12.67 -44.17 -7.38
C ASP A 103 -11.40 -44.72 -8.05
N GLN A 104 -10.64 -45.58 -7.38
CA GLN A 104 -9.38 -46.07 -8.02
C GLN A 104 -9.74 -47.03 -9.15
N ASP A 105 -10.75 -47.89 -8.96
CA ASP A 105 -11.17 -48.86 -9.99
C ASP A 105 -11.75 -48.13 -11.19
N TYR A 106 -12.48 -47.03 -10.95
CA TYR A 106 -13.04 -46.13 -11.99
C TYR A 106 -11.91 -45.58 -12.88
N LEU A 107 -10.85 -45.12 -12.23
CA LEU A 107 -9.65 -44.55 -12.92
C LEU A 107 -8.97 -45.65 -13.74
N VAL A 108 -8.68 -46.78 -13.07
CA VAL A 108 -8.05 -47.98 -13.69
C VAL A 108 -8.83 -48.32 -14.96
N SER A 109 -10.17 -48.38 -14.85
CA SER A 109 -11.10 -48.79 -15.95
C SER A 109 -11.03 -47.83 -17.12
N LEU A 110 -10.86 -46.53 -16.88
CA LEU A 110 -10.93 -45.52 -17.97
C LEU A 110 -9.56 -45.28 -18.59
N THR A 111 -8.45 -45.57 -17.89
CA THR A 111 -7.11 -45.08 -18.30
C THR A 111 -6.10 -46.21 -18.47
N ARG A 112 -6.15 -47.28 -17.68
CA ARG A 112 -5.07 -48.30 -17.69
C ARG A 112 -4.84 -48.77 -19.13
N ASN A 113 -5.91 -49.08 -19.85
CA ASN A 113 -5.88 -49.47 -21.29
C ASN A 113 -6.86 -48.53 -22.01
N PRO A 114 -6.67 -48.21 -23.31
CA PRO A 114 -7.53 -47.22 -23.95
C PRO A 114 -8.93 -47.81 -24.19
N PRO A 115 -9.99 -46.97 -24.12
CA PRO A 115 -11.33 -47.44 -24.45
C PRO A 115 -11.49 -47.64 -25.96
N SER A 116 -12.40 -48.52 -26.39
CA SER A 116 -12.74 -48.82 -27.80
C SER A 116 -13.89 -47.90 -28.24
N GLU A 117 -13.96 -47.55 -29.52
CA GLU A 117 -14.99 -46.61 -30.05
C GLU A 117 -16.03 -47.38 -30.88
N SER A 118 -17.32 -47.12 -30.64
CA SER A 118 -18.49 -47.88 -31.15
C SER A 118 -19.46 -46.96 -31.91
N GLU A 119 -20.27 -47.52 -32.82
CA GLU A 119 -21.21 -46.76 -33.69
C GLU A 119 -22.61 -47.40 -33.57
N GLY A 123 -21.47 -38.04 -33.90
CA GLY A 123 -21.20 -38.00 -32.45
C GLY A 123 -19.95 -38.81 -32.07
N ARG A 124 -20.04 -39.61 -31.00
CA ARG A 124 -18.89 -40.22 -30.28
C ARG A 124 -19.44 -41.06 -29.11
N PHE A 125 -18.87 -42.23 -28.87
CA PHE A 125 -19.44 -43.23 -27.94
C PHE A 125 -18.42 -44.34 -27.69
N LEU A 126 -17.85 -44.42 -26.50
CA LEU A 126 -16.66 -45.27 -26.21
C LEU A 126 -17.02 -46.29 -25.13
N ILE A 127 -16.34 -47.43 -25.11
CA ILE A 127 -16.52 -48.47 -24.05
C ILE A 127 -15.16 -48.71 -23.39
N SER A 128 -15.10 -48.67 -22.06
CA SER A 128 -13.92 -49.09 -21.28
C SER A 128 -13.38 -50.40 -21.85
N TYR A 129 -12.05 -50.53 -21.94
CA TYR A 129 -11.36 -51.78 -22.31
C TYR A 129 -12.05 -52.94 -21.59
N ASP A 130 -12.35 -52.78 -20.30
CA ASP A 130 -12.83 -53.88 -19.45
C ASP A 130 -14.35 -54.02 -19.57
N ARG A 131 -14.97 -53.13 -20.38
CA ARG A 131 -16.38 -53.22 -20.84
C ARG A 131 -17.33 -53.06 -19.64
N THR A 132 -16.89 -52.39 -18.58
CA THR A 132 -17.73 -52.06 -17.39
C THR A 132 -18.35 -50.66 -17.55
N LEU A 133 -17.75 -49.79 -18.35
CA LEU A 133 -18.18 -48.37 -18.45
C LEU A 133 -18.38 -47.97 -19.90
N VAL A 134 -19.18 -46.94 -20.08
CA VAL A 134 -19.54 -46.34 -21.39
C VAL A 134 -19.33 -44.83 -21.27
N ILE A 135 -18.77 -44.19 -22.31
CA ILE A 135 -18.49 -42.73 -22.33
C ILE A 135 -19.15 -42.13 -23.56
N LYS A 136 -20.22 -41.36 -23.39
CA LYS A 136 -21.02 -40.85 -24.53
C LYS A 136 -20.81 -39.34 -24.66
N GLU A 137 -20.35 -38.86 -25.81
CA GLU A 137 -20.36 -37.40 -26.10
C GLU A 137 -21.80 -36.91 -26.10
N VAL A 138 -22.06 -35.76 -25.48
CA VAL A 138 -23.39 -35.09 -25.52
C VAL A 138 -23.20 -33.61 -25.87
N SER A 139 -24.31 -32.86 -25.93
CA SER A 139 -24.33 -31.42 -26.31
C SER A 139 -24.37 -30.58 -25.04
N SER A 140 -24.04 -29.29 -25.18
CA SER A 140 -24.13 -28.33 -24.06
C SER A 140 -25.56 -28.37 -23.51
N GLU A 141 -26.58 -28.32 -24.37
CA GLU A 141 -27.99 -28.25 -23.91
C GLU A 141 -28.34 -29.56 -23.19
N ASP A 142 -27.72 -30.68 -23.53
CA ASP A 142 -27.89 -31.94 -22.77
C ASP A 142 -27.33 -31.73 -21.34
N ILE A 143 -26.11 -31.25 -21.22
CA ILE A 143 -25.45 -30.98 -19.91
C ILE A 143 -26.37 -30.07 -19.07
N ALA A 144 -26.93 -29.02 -19.67
CA ALA A 144 -27.87 -28.09 -19.01
C ALA A 144 -29.10 -28.84 -18.48
N ASP A 145 -29.63 -29.81 -19.23
CA ASP A 145 -30.78 -30.65 -18.80
C ASP A 145 -30.35 -31.54 -17.63
N MET A 146 -29.21 -32.20 -17.78
CA MET A 146 -28.67 -33.10 -16.73
C MET A 146 -28.56 -32.30 -15.41
N HIS A 147 -28.14 -31.05 -15.47
CA HIS A 147 -27.88 -30.25 -14.26
C HIS A 147 -29.18 -30.03 -13.47
N SER A 148 -30.30 -29.74 -14.14
CA SER A 148 -31.59 -29.42 -13.48
C SER A 148 -32.06 -30.59 -12.61
N ASN A 149 -31.77 -31.83 -12.97
CA ASN A 149 -32.41 -33.00 -12.32
C ASN A 149 -31.39 -33.82 -11.53
N LEU A 150 -30.14 -33.37 -11.50
CA LEU A 150 -29.04 -34.11 -10.84
C LEU A 150 -29.34 -34.24 -9.34
N SER A 151 -29.87 -33.16 -8.74
CA SER A 151 -30.23 -33.16 -7.31
C SER A 151 -31.36 -34.16 -7.08
N ASN A 152 -32.47 -34.09 -7.82
CA ASN A 152 -33.59 -35.05 -7.64
C ASN A 152 -33.05 -36.46 -7.90
N TYR A 153 -32.21 -36.63 -8.92
CA TYR A 153 -31.66 -37.96 -9.28
C TYR A 153 -30.90 -38.49 -8.07
N HIS A 154 -30.06 -37.64 -7.48
CA HIS A 154 -29.27 -38.03 -6.29
C HIS A 154 -30.22 -38.49 -5.20
N GLN A 155 -31.24 -37.69 -4.86
CA GLN A 155 -32.19 -38.06 -3.80
C GLN A 155 -32.75 -39.43 -4.12
N TYR A 156 -33.22 -39.61 -5.35
CA TYR A 156 -33.84 -40.87 -5.84
C TYR A 156 -32.87 -42.02 -5.62
N ILE A 157 -31.62 -41.85 -6.01
CA ILE A 157 -30.58 -42.92 -5.91
C ILE A 157 -30.39 -43.29 -4.44
N VAL A 158 -30.26 -42.30 -3.55
CA VAL A 158 -30.09 -42.57 -2.10
C VAL A 158 -31.27 -43.42 -1.67
N LYS A 159 -32.48 -42.99 -2.07
CA LYS A 159 -33.77 -43.53 -1.58
C LYS A 159 -33.90 -45.00 -2.00
N CYS A 160 -33.38 -45.39 -3.16
CA CYS A 160 -33.51 -46.78 -3.69
C CYS A 160 -32.17 -47.56 -3.54
N HIS A 161 -31.19 -46.98 -2.87
CA HIS A 161 -29.91 -47.63 -2.50
C HIS A 161 -29.17 -48.04 -3.79
N GLY A 162 -29.18 -47.18 -4.81
CA GLY A 162 -28.40 -47.37 -6.05
C GLY A 162 -29.01 -48.42 -6.98
N ASN A 163 -30.21 -48.93 -6.66
CA ASN A 163 -30.83 -50.10 -7.34
C ASN A 163 -31.96 -49.58 -8.24
N THR A 164 -31.69 -49.43 -9.53
CA THR A 164 -32.56 -48.73 -10.51
C THR A 164 -32.22 -49.24 -11.91
N LEU A 165 -33.15 -49.09 -12.83
CA LEU A 165 -32.94 -49.45 -14.26
C LEU A 165 -32.51 -48.19 -15.01
N LEU A 166 -32.52 -47.06 -14.30
CA LEU A 166 -32.06 -45.78 -14.90
C LEU A 166 -30.59 -45.93 -15.15
N PRO A 167 -30.02 -45.09 -16.04
CA PRO A 167 -28.60 -45.06 -16.24
C PRO A 167 -27.94 -44.68 -14.91
N GLN A 168 -26.80 -45.31 -14.62
CA GLN A 168 -25.96 -44.99 -13.46
C GLN A 168 -24.91 -43.96 -13.90
N PHE A 169 -25.17 -42.66 -13.69
CA PHE A 169 -24.22 -41.59 -14.07
C PHE A 169 -23.04 -41.59 -13.08
N LEU A 170 -21.84 -41.64 -13.62
CA LEU A 170 -20.58 -41.82 -12.86
C LEU A 170 -19.70 -40.57 -12.94
N GLY A 171 -19.86 -39.72 -13.95
CA GLY A 171 -19.02 -38.53 -14.12
C GLY A 171 -19.47 -37.72 -15.29
N MET A 172 -19.05 -36.48 -15.42
CA MET A 172 -19.60 -35.57 -16.45
C MET A 172 -18.60 -34.41 -16.63
N TYR A 173 -18.08 -34.27 -17.85
CA TYR A 173 -16.84 -33.50 -18.12
C TYR A 173 -17.01 -32.63 -19.36
N ARG A 174 -16.19 -31.59 -19.48
CA ARG A 174 -16.09 -30.79 -20.72
C ARG A 174 -14.62 -30.65 -21.08
N VAL A 175 -14.16 -31.46 -22.03
CA VAL A 175 -12.80 -31.31 -22.63
C VAL A 175 -12.90 -30.26 -23.76
N SER A 176 -11.85 -29.48 -23.94
CA SER A 176 -11.79 -28.34 -24.89
C SER A 176 -10.46 -28.40 -25.63
N VAL A 177 -10.47 -28.14 -26.95
CA VAL A 177 -9.25 -28.05 -27.80
C VAL A 177 -9.44 -26.90 -28.81
N ASP A 178 -8.72 -25.80 -28.59
CA ASP A 178 -8.77 -24.51 -29.34
C ASP A 178 -10.20 -23.99 -29.50
N ASN A 179 -10.90 -23.75 -28.38
CA ASN A 179 -12.24 -23.07 -28.30
C ASN A 179 -13.35 -23.98 -28.83
N GLU A 180 -13.03 -25.21 -29.19
CA GLU A 180 -14.01 -26.27 -29.54
C GLU A 180 -14.20 -27.19 -28.32
N ASP A 181 -15.27 -26.96 -27.56
CA ASP A 181 -15.64 -27.72 -26.33
C ASP A 181 -16.42 -28.97 -26.75
N SER A 182 -16.29 -30.07 -26.01
CA SER A 182 -16.99 -31.36 -26.24
C SER A 182 -17.33 -31.99 -24.88
N TYR A 183 -18.60 -32.28 -24.63
CA TYR A 183 -19.12 -32.68 -23.30
C TYR A 183 -19.25 -34.19 -23.25
N MET A 184 -18.62 -34.82 -22.27
CA MET A 184 -18.55 -36.29 -22.17
C MET A 184 -19.27 -36.72 -20.91
N LEU A 185 -19.90 -37.88 -20.92
CA LEU A 185 -20.76 -38.33 -19.81
C LEU A 185 -20.53 -39.81 -19.61
N VAL A 186 -20.20 -40.24 -18.41
CA VAL A 186 -19.77 -41.64 -18.15
C VAL A 186 -20.90 -42.33 -17.42
N MET A 187 -21.26 -43.54 -17.88
CA MET A 187 -22.33 -44.38 -17.28
C MET A 187 -21.83 -45.78 -17.09
N ARG A 188 -22.39 -46.51 -16.14
CA ARG A 188 -22.12 -47.96 -16.05
C ARG A 188 -22.73 -48.57 -17.29
N ASN A 189 -22.04 -49.57 -17.86
CA ASN A 189 -22.52 -50.37 -19.01
C ASN A 189 -23.70 -51.22 -18.55
N MET A 190 -24.84 -51.08 -19.24
CA MET A 190 -26.08 -51.86 -18.98
C MET A 190 -25.85 -53.30 -19.46
N PHE A 191 -24.99 -53.49 -20.46
CA PHE A 191 -24.55 -54.81 -20.99
C PHE A 191 -23.38 -55.35 -20.16
N SER A 192 -22.85 -56.52 -20.52
CA SER A 192 -21.92 -57.32 -19.71
C SER A 192 -20.47 -57.02 -20.10
N HIS A 193 -19.56 -57.26 -19.14
CA HIS A 193 -18.08 -57.26 -19.29
C HIS A 193 -17.59 -58.56 -19.94
N ARG A 194 -18.35 -59.65 -19.82
CA ARG A 194 -17.99 -61.01 -20.34
C ARG A 194 -18.98 -61.39 -21.44
N LEU A 195 -20.20 -61.79 -21.08
CA LEU A 195 -21.22 -62.41 -21.98
C LEU A 195 -21.64 -61.40 -23.03
N PRO A 196 -21.26 -61.55 -24.33
CA PRO A 196 -21.59 -60.55 -25.34
C PRO A 196 -23.05 -60.64 -25.79
N VAL A 197 -23.61 -59.49 -26.16
CA VAL A 197 -25.03 -59.36 -26.61
C VAL A 197 -25.16 -59.87 -28.04
N HIS A 198 -26.12 -60.76 -28.28
CA HIS A 198 -26.38 -61.35 -29.61
C HIS A 198 -27.50 -60.58 -30.32
N ARG A 199 -28.50 -60.09 -29.57
CA ARG A 199 -29.67 -59.38 -30.13
C ARG A 199 -30.01 -58.21 -29.21
N LYS A 200 -30.57 -57.15 -29.77
CA LYS A 200 -30.62 -55.80 -29.18
C LYS A 200 -31.86 -55.04 -29.63
N TYR A 201 -32.71 -54.63 -28.67
CA TYR A 201 -34.01 -53.95 -28.91
C TYR A 201 -34.11 -52.63 -28.13
N ASP A 202 -34.69 -51.62 -28.77
CA ASP A 202 -35.08 -50.30 -28.22
C ASP A 202 -36.62 -50.22 -28.25
N LEU A 203 -37.28 -50.36 -27.11
CA LEU A 203 -38.76 -50.53 -27.03
C LEU A 203 -39.37 -49.32 -26.36
N LYS A 204 -40.27 -48.61 -27.04
CA LYS A 204 -40.99 -47.42 -26.48
C LYS A 204 -42.45 -47.77 -26.20
N GLY A 205 -42.99 -48.77 -26.90
CA GLY A 205 -44.44 -49.02 -27.04
C GLY A 205 -45.15 -47.90 -27.77
N SER A 206 -44.62 -47.40 -28.90
CA SER A 206 -45.21 -46.33 -29.76
C SER A 206 -46.47 -46.83 -30.47
N LEU A 207 -47.41 -45.91 -30.75
CA LEU A 207 -48.59 -46.15 -31.63
C LEU A 207 -48.09 -46.19 -33.08
N VAL A 208 -47.34 -45.17 -33.52
CA VAL A 208 -46.64 -45.15 -34.85
C VAL A 208 -45.73 -46.39 -34.94
N SER A 209 -45.54 -46.87 -36.16
CA SER A 209 -44.55 -47.92 -36.53
C SER A 209 -43.15 -47.53 -36.04
N ARG A 210 -42.52 -48.39 -35.24
CA ARG A 210 -41.09 -48.32 -34.85
C ARG A 210 -40.46 -49.55 -35.47
N GLU A 211 -39.68 -49.34 -36.53
CA GLU A 211 -39.02 -50.41 -37.30
C GLU A 211 -37.58 -49.97 -37.58
N ALA A 212 -36.61 -50.87 -37.34
CA ALA A 212 -35.20 -50.72 -37.77
C ALA A 212 -35.20 -50.56 -39.29
N SER A 213 -34.44 -49.60 -39.83
CA SER A 213 -34.29 -49.40 -41.30
C SER A 213 -33.34 -50.47 -41.86
N ASP A 214 -33.36 -50.68 -43.19
CA ASP A 214 -32.49 -51.67 -43.89
C ASP A 214 -31.01 -51.28 -43.69
N LYS A 215 -30.69 -49.99 -43.87
CA LYS A 215 -29.34 -49.45 -43.58
C LYS A 215 -28.81 -50.08 -42.29
N GLU A 216 -29.63 -50.03 -41.22
CA GLU A 216 -29.33 -50.51 -39.83
C GLU A 216 -29.00 -52.01 -39.85
N LYS A 217 -29.86 -52.85 -40.44
CA LYS A 217 -29.82 -54.33 -40.31
C LYS A 217 -28.57 -54.92 -41.00
N VAL A 218 -27.77 -54.10 -41.70
CA VAL A 218 -26.46 -54.49 -42.29
C VAL A 218 -25.38 -54.51 -41.19
N LYS A 219 -25.62 -53.86 -40.04
CA LYS A 219 -24.72 -53.88 -38.86
C LYS A 219 -24.68 -55.31 -38.29
N GLU A 220 -23.59 -55.66 -37.59
CA GLU A 220 -23.36 -57.01 -37.01
C GLU A 220 -24.37 -57.26 -35.86
N LEU A 221 -24.64 -56.24 -35.05
CA LEU A 221 -25.64 -56.26 -33.95
C LEU A 221 -26.52 -55.02 -34.05
N PRO A 222 -27.57 -55.04 -34.90
CA PRO A 222 -28.37 -53.85 -35.14
C PRO A 222 -29.36 -53.59 -33.99
N THR A 223 -29.71 -52.32 -33.78
CA THR A 223 -30.74 -51.87 -32.81
C THR A 223 -32.11 -52.06 -33.46
N LEU A 224 -32.76 -53.18 -33.12
CA LEU A 224 -34.15 -53.50 -33.52
C LEU A 224 -35.11 -52.68 -32.65
N LYS A 225 -36.36 -52.52 -33.08
CA LYS A 225 -37.36 -51.66 -32.41
C LYS A 225 -38.65 -52.46 -32.19
N ASP A 226 -39.71 -51.78 -31.75
CA ASP A 226 -41.00 -52.36 -31.31
C ASP A 226 -41.49 -53.40 -32.33
N MET A 227 -41.68 -52.96 -33.57
CA MET A 227 -42.34 -53.79 -34.61
C MET A 227 -41.48 -55.03 -34.88
N ASP A 228 -40.15 -54.85 -34.93
CA ASP A 228 -39.18 -55.94 -35.14
C ASP A 228 -39.33 -56.93 -33.99
N PHE A 229 -39.65 -56.44 -32.80
CA PHE A 229 -39.80 -57.28 -31.58
C PHE A 229 -41.07 -58.14 -31.71
N LEU A 230 -42.15 -57.50 -32.16
CA LEU A 230 -43.48 -58.13 -32.29
C LEU A 230 -43.46 -59.15 -33.44
N ASN A 231 -42.85 -58.79 -34.58
CA ASN A 231 -42.75 -59.63 -35.81
C ASN A 231 -41.94 -60.88 -35.53
N LYS A 232 -40.81 -60.77 -34.85
CA LYS A 232 -39.97 -61.93 -34.49
C LYS A 232 -40.69 -62.77 -33.42
N ASN A 233 -41.78 -62.24 -32.87
CA ASN A 233 -42.54 -62.90 -31.77
C ASN A 233 -41.65 -63.09 -30.54
N GLN A 234 -40.76 -62.12 -30.28
CA GLN A 234 -39.82 -62.21 -29.13
C GLN A 234 -40.62 -62.07 -27.85
N LYS A 235 -40.34 -62.95 -26.89
CA LYS A 235 -40.81 -62.92 -25.49
C LYS A 235 -39.60 -63.05 -24.57
N VAL A 236 -39.75 -62.58 -23.33
CA VAL A 236 -38.70 -62.63 -22.28
C VAL A 236 -39.20 -63.55 -21.16
N TYR A 237 -38.44 -64.59 -20.83
CA TYR A 237 -38.85 -65.66 -19.89
C TYR A 237 -37.96 -65.62 -18.64
N ILE A 238 -38.41 -65.02 -17.53
CA ILE A 238 -37.54 -64.84 -16.33
C ILE A 238 -38.12 -65.45 -15.03
N GLY A 239 -39.44 -65.74 -14.96
CA GLY A 239 -40.06 -66.32 -13.75
C GLY A 239 -40.67 -65.27 -12.82
N GLU A 240 -41.74 -65.64 -12.10
CA GLU A 240 -42.69 -64.75 -11.39
C GLU A 240 -42.02 -63.91 -10.29
N GLU A 241 -41.11 -64.51 -9.50
CA GLU A 241 -40.37 -63.86 -8.38
C GLU A 241 -39.59 -62.67 -8.95
N GLU A 242 -38.76 -62.97 -9.96
CA GLU A 242 -37.77 -62.09 -10.64
C GLU A 242 -38.51 -60.98 -11.39
N LYS A 243 -39.68 -61.31 -11.95
CA LYS A 243 -40.52 -60.42 -12.79
C LYS A 243 -41.23 -59.41 -11.89
N LYS A 244 -41.75 -59.86 -10.76
CA LYS A 244 -42.45 -58.98 -9.77
C LYS A 244 -41.47 -57.91 -9.29
N ILE A 245 -40.22 -58.31 -9.03
CA ILE A 245 -39.11 -57.42 -8.61
C ILE A 245 -38.84 -56.44 -9.74
N PHE A 246 -38.56 -56.92 -10.95
CA PHE A 246 -38.18 -56.10 -12.12
C PHE A 246 -39.24 -55.04 -12.39
N LEU A 247 -40.52 -55.42 -12.38
CA LEU A 247 -41.64 -54.51 -12.71
C LEU A 247 -41.91 -53.52 -11.58
N GLU A 248 -41.71 -53.88 -10.32
CA GLU A 248 -41.85 -52.93 -9.18
C GLU A 248 -40.73 -51.88 -9.29
N LYS A 249 -39.54 -52.30 -9.74
CA LYS A 249 -38.39 -51.41 -10.00
C LYS A 249 -38.75 -50.44 -11.14
N LEU A 250 -39.17 -50.99 -12.27
CA LEU A 250 -39.50 -50.18 -13.48
C LEU A 250 -40.59 -49.17 -13.15
N LYS A 251 -41.59 -49.58 -12.39
CA LYS A 251 -42.76 -48.73 -12.02
C LYS A 251 -42.25 -47.46 -11.33
N ARG A 252 -41.44 -47.58 -10.27
CA ARG A 252 -40.98 -46.40 -9.50
C ARG A 252 -39.94 -45.63 -10.33
N ASP A 253 -39.08 -46.31 -11.10
CA ASP A 253 -38.18 -45.62 -12.07
C ASP A 253 -38.99 -44.74 -13.01
N VAL A 254 -40.11 -45.24 -13.50
CA VAL A 254 -40.96 -44.55 -14.52
C VAL A 254 -41.76 -43.45 -13.82
N GLU A 255 -42.28 -43.74 -12.63
CA GLU A 255 -43.01 -42.73 -11.83
C GLU A 255 -42.10 -41.53 -11.66
N PHE A 256 -40.83 -41.77 -11.33
CA PHE A 256 -39.80 -40.72 -11.16
C PHE A 256 -39.65 -39.92 -12.47
N LEU A 257 -39.59 -40.59 -13.62
CA LEU A 257 -39.37 -39.88 -14.90
C LEU A 257 -40.59 -38.99 -15.17
N VAL A 258 -41.78 -39.41 -14.74
CA VAL A 258 -43.04 -38.63 -14.89
C VAL A 258 -42.96 -37.37 -14.02
N GLN A 259 -42.67 -37.60 -12.75
CA GLN A 259 -42.39 -36.56 -11.74
C GLN A 259 -41.51 -35.48 -12.39
N LEU A 260 -40.45 -35.88 -13.10
CA LEU A 260 -39.51 -34.94 -13.75
C LEU A 260 -40.06 -34.42 -15.09
N LYS A 261 -41.30 -34.77 -15.45
CA LYS A 261 -41.92 -34.36 -16.74
C LYS A 261 -41.04 -34.78 -17.92
N ILE A 262 -40.42 -35.97 -17.86
CA ILE A 262 -39.56 -36.52 -18.94
C ILE A 262 -40.33 -37.59 -19.72
N MET A 263 -40.13 -37.69 -21.03
CA MET A 263 -40.74 -38.77 -21.87
C MET A 263 -39.84 -39.02 -23.10
N ASP A 264 -40.26 -39.91 -24.01
CA ASP A 264 -39.50 -40.32 -25.23
C ASP A 264 -38.29 -41.17 -24.82
N TYR A 265 -38.38 -41.82 -23.66
CA TYR A 265 -37.43 -42.86 -23.20
C TYR A 265 -37.85 -44.24 -23.76
N SER A 266 -36.90 -45.18 -23.78
CA SER A 266 -37.07 -46.56 -24.31
C SER A 266 -36.58 -47.56 -23.27
N LEU A 267 -37.03 -48.81 -23.31
CA LEU A 267 -36.32 -49.88 -22.59
C LEU A 267 -35.28 -50.45 -23.54
N LEU A 268 -34.02 -50.37 -23.19
CA LEU A 268 -32.97 -51.13 -23.90
C LEU A 268 -33.06 -52.58 -23.43
N LEU A 269 -33.13 -53.50 -24.39
CA LEU A 269 -33.15 -54.96 -24.11
C LEU A 269 -32.09 -55.60 -25.00
N GLY A 270 -31.07 -56.17 -24.37
CA GLY A 270 -30.04 -57.01 -25.02
C GLY A 270 -30.20 -58.44 -24.58
N ILE A 271 -29.99 -59.38 -25.51
CA ILE A 271 -30.10 -60.83 -25.22
C ILE A 271 -28.80 -61.54 -25.60
N HIS A 272 -28.29 -62.33 -24.67
CA HIS A 272 -27.16 -63.28 -24.85
C HIS A 272 -27.76 -64.70 -24.93
N ASP A 273 -27.73 -65.30 -26.11
CA ASP A 273 -28.01 -66.75 -26.32
C ASP A 273 -26.77 -67.51 -25.84
N ILE A 274 -26.98 -68.70 -25.28
CA ILE A 274 -25.92 -69.71 -25.00
C ILE A 274 -26.09 -70.83 -26.08
N ILE A 293 -22.27 -58.33 -10.52
CA ILE A 293 -21.40 -57.25 -11.10
C ILE A 293 -22.12 -56.63 -12.32
N ASP A 294 -22.70 -57.44 -13.22
CA ASP A 294 -23.61 -56.99 -14.30
C ASP A 294 -24.99 -56.72 -13.68
N VAL A 295 -25.31 -55.46 -13.43
CA VAL A 295 -26.35 -55.03 -12.45
C VAL A 295 -27.72 -55.07 -13.10
N TYR A 296 -27.75 -55.10 -14.43
CA TYR A 296 -28.99 -55.00 -15.25
C TYR A 296 -29.43 -56.39 -15.75
N ALA A 297 -28.68 -57.44 -15.38
CA ALA A 297 -28.80 -58.79 -15.98
C ALA A 297 -29.81 -59.61 -15.21
N ILE A 298 -30.59 -60.40 -15.96
CA ILE A 298 -31.57 -61.38 -15.42
C ILE A 298 -31.46 -62.65 -16.24
N ARG A 299 -31.30 -63.78 -15.55
CA ARG A 299 -31.20 -65.16 -16.11
C ARG A 299 -32.59 -65.63 -16.56
N SER A 300 -32.67 -66.33 -17.69
CA SER A 300 -33.85 -67.14 -18.13
C SER A 300 -34.33 -68.00 -16.95
N ALA A 301 -35.64 -68.08 -16.76
CA ALA A 301 -36.31 -69.03 -15.83
C ALA A 301 -35.90 -70.47 -16.14
N GLU A 302 -36.14 -71.37 -15.19
CA GLU A 302 -35.79 -72.80 -15.33
C GLU A 302 -36.68 -73.39 -16.45
N GLY A 303 -37.97 -73.05 -16.52
CA GLY A 303 -38.92 -73.56 -17.53
C GLY A 303 -38.62 -73.08 -18.96
N ALA A 304 -37.96 -71.93 -19.10
CA ALA A 304 -37.78 -71.15 -20.35
C ALA A 304 -37.47 -72.06 -21.54
N PRO A 305 -38.02 -71.75 -22.74
CA PRO A 305 -37.60 -72.44 -23.98
C PRO A 305 -36.18 -72.13 -24.49
N GLN A 306 -35.43 -71.26 -23.84
CA GLN A 306 -34.03 -70.91 -24.26
C GLN A 306 -33.18 -70.58 -23.03
N LYS A 307 -31.92 -71.04 -23.05
CA LYS A 307 -30.84 -70.67 -22.11
C LYS A 307 -30.30 -69.30 -22.57
N GLU A 308 -30.92 -68.23 -22.05
CA GLU A 308 -30.72 -66.81 -22.45
C GLU A 308 -30.41 -65.97 -21.19
N VAL A 309 -29.66 -64.86 -21.35
CA VAL A 309 -29.47 -63.82 -20.30
C VAL A 309 -29.99 -62.52 -20.90
N TYR A 310 -30.79 -61.77 -20.13
CA TYR A 310 -31.41 -60.50 -20.55
C TYR A 310 -30.73 -59.32 -19.81
N PHE A 311 -30.52 -58.23 -20.54
CA PHE A 311 -29.97 -56.96 -20.05
C PHE A 311 -30.98 -55.86 -20.37
N MET A 312 -31.64 -55.33 -19.33
CA MET A 312 -32.69 -54.31 -19.55
C MET A 312 -32.42 -53.09 -18.68
N GLY A 313 -32.49 -51.88 -19.25
CA GLY A 313 -32.46 -50.61 -18.52
C GLY A 313 -33.10 -49.47 -19.31
N LEU A 314 -33.41 -48.32 -18.68
CA LEU A 314 -34.07 -47.19 -19.37
C LEU A 314 -33.01 -46.36 -20.11
N ILE A 315 -33.38 -45.79 -21.25
CA ILE A 315 -32.49 -44.98 -22.13
C ILE A 315 -33.30 -43.80 -22.70
N ASP A 316 -32.67 -42.97 -23.52
CA ASP A 316 -33.20 -41.71 -24.09
C ASP A 316 -32.48 -41.44 -25.40
N ILE A 317 -32.88 -40.43 -26.17
CA ILE A 317 -32.07 -39.87 -27.29
C ILE A 317 -30.72 -39.46 -26.69
N LEU A 318 -30.74 -38.91 -25.48
CA LEU A 318 -29.54 -38.45 -24.75
C LEU A 318 -28.64 -39.66 -24.41
N THR A 319 -29.22 -40.71 -23.84
CA THR A 319 -28.49 -41.79 -23.13
C THR A 319 -28.37 -43.06 -23.99
N GLN A 320 -28.83 -43.03 -25.25
CA GLN A 320 -28.81 -44.18 -26.22
C GLN A 320 -27.44 -44.84 -26.31
N TYR A 321 -27.38 -46.16 -26.54
CA TYR A 321 -26.10 -46.92 -26.70
C TYR A 321 -25.68 -46.84 -28.17
N ASP A 322 -25.63 -45.62 -28.72
CA ASP A 322 -25.20 -45.23 -30.09
C ASP A 322 -24.67 -43.78 -30.08
N ALA A 323 -24.04 -43.34 -31.18
CA ALA A 323 -23.55 -41.96 -31.41
C ALA A 323 -24.71 -40.95 -31.37
N LYS A 324 -24.42 -39.68 -31.12
CA LYS A 324 -25.43 -38.60 -31.00
C LYS A 324 -25.89 -38.18 -32.40
N LYS A 325 -27.19 -37.86 -32.56
CA LYS A 325 -27.90 -37.68 -33.86
C LYS A 325 -28.09 -36.18 -34.12
N VAL A 345 -49.10 -35.48 -26.93
CA VAL A 345 -49.12 -36.58 -25.92
C VAL A 345 -48.43 -36.07 -24.65
N HIS A 346 -48.94 -36.52 -23.50
CA HIS A 346 -48.56 -36.09 -22.14
C HIS A 346 -47.68 -37.16 -21.50
N PRO A 347 -46.73 -36.77 -20.62
CA PRO A 347 -45.77 -37.72 -20.04
C PRO A 347 -46.41 -38.84 -19.20
N GLU A 348 -47.55 -38.56 -18.59
CA GLU A 348 -48.31 -39.55 -17.78
C GLU A 348 -48.84 -40.61 -18.74
N GLN A 349 -49.25 -40.19 -19.94
CA GLN A 349 -49.75 -41.07 -21.04
C GLN A 349 -48.61 -41.92 -21.56
N TYR A 350 -47.50 -41.27 -21.93
CA TYR A 350 -46.29 -41.95 -22.48
C TYR A 350 -45.94 -43.13 -21.56
N ALA A 351 -45.95 -42.90 -20.24
CA ALA A 351 -45.60 -43.89 -19.21
C ALA A 351 -46.55 -45.08 -19.27
N LYS A 352 -47.86 -44.83 -19.22
CA LYS A 352 -48.91 -45.89 -19.20
C LYS A 352 -48.73 -46.75 -20.46
N ARG A 353 -48.63 -46.14 -21.64
CA ARG A 353 -48.45 -46.90 -22.90
C ARG A 353 -47.17 -47.73 -22.80
N PHE A 354 -46.08 -47.07 -22.42
CA PHE A 354 -44.74 -47.68 -22.24
C PHE A 354 -44.83 -48.89 -21.31
N LEU A 355 -45.47 -48.76 -20.15
CA LEU A 355 -45.54 -49.86 -19.16
C LEU A 355 -46.40 -51.01 -19.69
N ASP A 356 -47.60 -50.70 -20.17
CA ASP A 356 -48.44 -51.72 -20.87
C ASP A 356 -47.51 -52.49 -21.80
N PHE A 357 -46.82 -51.78 -22.70
CA PHE A 357 -46.05 -52.43 -23.76
C PHE A 357 -45.05 -53.39 -23.15
N ILE A 358 -44.27 -52.92 -22.18
CA ILE A 358 -43.08 -53.72 -21.78
C ILE A 358 -43.53 -54.76 -20.74
N THR A 359 -44.70 -54.61 -20.11
CA THR A 359 -45.28 -55.68 -19.25
C THR A 359 -45.65 -56.88 -20.11
N ASN A 360 -45.94 -56.65 -21.40
CA ASN A 360 -46.34 -57.70 -22.37
C ASN A 360 -45.15 -58.25 -23.14
N ILE A 361 -43.93 -58.16 -22.62
CA ILE A 361 -42.78 -58.83 -23.28
C ILE A 361 -42.49 -60.14 -22.54
N PHE A 362 -43.20 -60.39 -21.45
CA PHE A 362 -43.01 -61.59 -20.61
C PHE A 362 -44.15 -62.59 -20.84
N ASP B 29 0.80 -21.74 4.33
CA ASP B 29 0.90 -20.62 3.35
C ASP B 29 0.40 -21.04 1.98
N PRO B 30 -0.48 -20.25 1.33
CA PRO B 30 -0.94 -20.54 -0.02
C PRO B 30 0.19 -20.69 -1.06
N LEU B 31 1.10 -19.73 -1.11
CA LEU B 31 2.17 -19.73 -2.15
C LEU B 31 2.95 -21.03 -2.07
N VAL B 32 3.31 -21.52 -0.89
CA VAL B 32 4.12 -22.75 -0.76
C VAL B 32 3.26 -23.95 -1.17
N GLY B 33 2.00 -23.98 -0.76
CA GLY B 33 1.10 -25.11 -1.08
C GLY B 33 0.99 -25.30 -2.58
N VAL B 34 0.69 -24.23 -3.30
CA VAL B 34 0.60 -24.19 -4.78
C VAL B 34 1.96 -24.59 -5.36
N PHE B 35 3.04 -24.05 -4.83
CA PHE B 35 4.41 -24.35 -5.31
C PHE B 35 4.63 -25.86 -5.26
N LEU B 36 4.32 -26.48 -4.13
CA LEU B 36 4.64 -27.92 -3.93
C LEU B 36 3.72 -28.77 -4.81
N TRP B 37 2.48 -28.33 -5.01
CA TRP B 37 1.48 -28.96 -5.89
C TRP B 37 2.03 -28.94 -7.32
N GLY B 38 2.53 -27.77 -7.74
CA GLY B 38 3.06 -27.52 -9.08
C GLY B 38 4.29 -28.36 -9.36
N VAL B 39 5.17 -28.49 -8.38
CA VAL B 39 6.41 -29.28 -8.51
C VAL B 39 6.00 -30.73 -8.77
N ALA B 40 5.06 -31.23 -7.97
CA ALA B 40 4.55 -32.62 -8.06
C ALA B 40 3.92 -32.85 -9.42
N HIS B 41 3.09 -31.90 -9.84
CA HIS B 41 2.37 -31.91 -11.12
C HIS B 41 3.36 -31.91 -12.28
N SER B 42 4.37 -31.06 -12.23
CA SER B 42 5.32 -30.85 -13.34
C SER B 42 6.26 -32.05 -13.45
N ILE B 43 6.67 -32.63 -12.33
CA ILE B 43 7.59 -33.80 -12.38
C ILE B 43 6.80 -34.98 -12.95
N ASN B 44 5.49 -35.05 -12.67
CA ASN B 44 4.61 -36.14 -13.13
C ASN B 44 4.43 -36.05 -14.66
N GLU B 45 4.12 -34.85 -15.18
CA GLU B 45 4.06 -34.59 -16.62
C GLU B 45 5.38 -35.03 -17.25
N LEU B 46 6.51 -34.66 -16.66
CA LEU B 46 7.83 -35.00 -17.24
C LEU B 46 8.06 -36.52 -17.21
N SER B 47 7.47 -37.27 -16.29
CA SER B 47 7.72 -38.73 -16.22
C SER B 47 7.09 -39.39 -17.46
N GLN B 48 5.96 -38.87 -17.96
CA GLN B 48 5.35 -39.30 -19.24
C GLN B 48 6.33 -39.05 -20.41
N VAL B 49 6.91 -37.86 -20.52
CA VAL B 49 7.90 -37.50 -21.60
C VAL B 49 9.21 -38.26 -21.36
N PRO B 50 9.79 -38.93 -22.38
CA PRO B 50 11.15 -39.45 -22.22
C PRO B 50 12.15 -38.32 -22.40
N PRO B 51 13.31 -38.37 -21.70
CA PRO B 51 14.30 -37.29 -21.77
C PRO B 51 14.96 -37.31 -23.14
N PRO B 52 15.06 -36.17 -23.86
CA PRO B 52 15.79 -36.15 -25.12
C PRO B 52 17.28 -36.37 -24.82
N VAL B 53 18.05 -36.79 -25.82
CA VAL B 53 19.52 -36.97 -25.68
C VAL B 53 20.18 -35.61 -25.92
N MET B 54 19.46 -34.70 -26.59
CA MET B 54 20.01 -33.42 -27.07
C MET B 54 18.94 -32.35 -26.97
N LEU B 55 19.29 -31.21 -26.36
CA LEU B 55 18.36 -30.06 -26.23
C LEU B 55 18.35 -29.32 -27.56
N LEU B 56 17.27 -28.61 -27.83
CA LEU B 56 17.17 -27.75 -29.02
C LEU B 56 16.94 -26.32 -28.59
N PRO B 57 17.32 -25.35 -29.44
CA PRO B 57 17.10 -23.93 -29.16
C PRO B 57 15.71 -23.61 -28.58
N ASP B 58 14.67 -24.32 -29.01
CA ASP B 58 13.28 -24.09 -28.55
C ASP B 58 13.12 -24.52 -27.09
N ASP B 59 13.84 -25.52 -26.64
CA ASP B 59 13.69 -26.00 -25.25
C ASP B 59 13.95 -24.83 -24.27
N PHE B 60 14.73 -23.83 -24.70
CA PHE B 60 15.12 -22.67 -23.86
C PHE B 60 14.14 -21.51 -24.04
N LYS B 61 13.06 -21.67 -24.81
CA LYS B 61 11.98 -20.65 -24.90
C LYS B 61 10.66 -21.27 -24.43
N ALA B 62 10.71 -22.52 -23.98
CA ALA B 62 9.53 -23.33 -23.63
C ALA B 62 9.07 -23.04 -22.21
N SER B 63 7.83 -23.37 -21.95
CA SER B 63 7.16 -23.26 -20.64
C SER B 63 5.94 -24.16 -20.58
N SER B 64 5.55 -24.58 -19.37
CA SER B 64 4.29 -25.27 -19.06
C SER B 64 3.45 -24.42 -18.11
N LYS B 65 2.30 -23.87 -18.51
CA LYS B 65 1.41 -23.10 -17.59
C LYS B 65 0.16 -23.93 -17.28
N ILE B 66 -0.40 -23.78 -16.08
CA ILE B 66 -1.65 -24.45 -15.64
C ILE B 66 -2.45 -23.41 -14.90
N LYS B 67 -3.66 -23.08 -15.30
CA LYS B 67 -4.56 -22.23 -14.49
C LYS B 67 -5.63 -23.16 -13.92
N VAL B 68 -5.73 -23.23 -12.59
CA VAL B 68 -6.79 -24.02 -11.89
C VAL B 68 -7.81 -23.02 -11.36
N ASN B 69 -9.08 -23.42 -11.40
CA ASN B 69 -10.20 -22.52 -11.01
C ASN B 69 -11.38 -23.43 -10.61
N ASN B 70 -11.49 -23.73 -9.31
CA ASN B 70 -12.58 -24.54 -8.73
C ASN B 70 -13.63 -23.57 -8.18
N HIS B 71 -14.81 -23.62 -8.76
CA HIS B 71 -16.05 -22.94 -8.29
C HIS B 71 -16.80 -23.86 -7.33
N LEU B 72 -17.00 -23.43 -6.10
CA LEU B 72 -17.80 -24.09 -5.04
C LEU B 72 -17.23 -25.47 -4.74
N PHE B 73 -15.91 -25.61 -4.79
CA PHE B 73 -15.24 -26.92 -4.54
C PHE B 73 -13.98 -26.68 -3.72
N HIS B 74 -14.01 -27.14 -2.44
CA HIS B 74 -12.98 -27.82 -1.56
C HIS B 74 -12.05 -26.83 -0.87
N ARG B 75 -12.58 -25.68 -0.45
CA ARG B 75 -11.76 -24.56 0.10
C ARG B 75 -10.86 -25.11 1.22
N GLU B 76 -9.81 -25.87 0.81
CA GLU B 76 -8.95 -26.68 1.73
C GLU B 76 -7.54 -26.85 1.13
N ASN B 77 -6.55 -26.27 1.81
CA ASN B 77 -5.07 -26.47 1.62
C ASN B 77 -4.52 -25.64 0.45
N LEU B 78 -5.02 -25.90 -0.76
CA LEU B 78 -4.84 -25.04 -1.96
C LEU B 78 -5.99 -24.06 -2.01
N PRO B 79 -5.80 -22.88 -2.63
CA PRO B 79 -6.91 -22.01 -2.96
C PRO B 79 -7.72 -22.54 -4.15
N SER B 80 -8.80 -21.85 -4.45
CA SER B 80 -9.75 -22.27 -5.51
C SER B 80 -9.33 -21.64 -6.83
N HIS B 81 -8.49 -20.61 -6.81
CA HIS B 81 -7.93 -19.95 -8.02
C HIS B 81 -6.41 -19.88 -7.89
N PHE B 82 -5.66 -20.44 -8.83
CA PHE B 82 -4.19 -20.29 -8.86
C PHE B 82 -3.66 -20.70 -10.21
N LYS B 83 -2.46 -20.21 -10.57
CA LYS B 83 -1.68 -20.64 -11.75
C LYS B 83 -0.35 -21.19 -11.28
N PHE B 84 0.30 -21.95 -12.15
CA PHE B 84 1.67 -22.46 -11.93
C PHE B 84 2.39 -22.56 -13.27
N LYS B 85 3.61 -22.07 -13.41
CA LYS B 85 4.33 -22.07 -14.70
C LYS B 85 5.74 -22.63 -14.48
N GLU B 86 6.16 -23.64 -15.23
CA GLU B 86 7.55 -24.12 -15.17
C GLU B 86 8.24 -23.54 -16.40
N TYR B 87 9.34 -22.84 -16.19
CA TYR B 87 10.20 -22.30 -17.28
C TYR B 87 11.10 -23.46 -17.74
N CYS B 88 11.23 -23.65 -19.06
CA CYS B 88 12.23 -24.54 -19.70
C CYS B 88 12.30 -25.91 -19.03
N PRO B 89 11.18 -26.66 -18.97
CA PRO B 89 11.15 -27.93 -18.26
C PRO B 89 12.25 -28.88 -18.73
N GLN B 90 12.52 -28.91 -20.03
CA GLN B 90 13.47 -29.90 -20.59
C GLN B 90 14.89 -29.52 -20.19
N VAL B 91 15.16 -28.22 -20.07
CA VAL B 91 16.53 -27.72 -19.80
C VAL B 91 16.85 -28.02 -18.33
N PHE B 92 15.93 -27.72 -17.43
CA PHE B 92 16.13 -27.92 -15.98
C PHE B 92 16.23 -29.40 -15.69
N ARG B 93 15.40 -30.21 -16.35
CA ARG B 93 15.53 -31.69 -16.23
C ARG B 93 16.93 -32.14 -16.65
N ASN B 94 17.48 -31.60 -17.74
CA ASN B 94 18.84 -31.98 -18.20
C ASN B 94 19.86 -31.48 -17.17
N LEU B 95 19.67 -30.29 -16.60
CA LEU B 95 20.61 -29.73 -15.61
C LEU B 95 20.57 -30.59 -14.34
N ARG B 96 19.38 -30.98 -13.88
CA ARG B 96 19.25 -31.89 -12.70
C ARG B 96 20.07 -33.15 -13.03
N ASP B 97 19.93 -33.68 -14.22
CA ASP B 97 20.65 -34.91 -14.59
C ASP B 97 22.14 -34.63 -14.50
N ARG B 98 22.59 -33.52 -15.08
CA ARG B 98 24.04 -33.22 -15.25
C ARG B 98 24.69 -32.96 -13.89
N PHE B 99 23.89 -32.55 -12.89
CA PHE B 99 24.40 -32.32 -11.51
C PHE B 99 24.12 -33.56 -10.65
N GLY B 100 23.81 -34.70 -11.27
CA GLY B 100 23.65 -35.97 -10.55
C GLY B 100 22.44 -36.00 -9.63
N ILE B 101 21.38 -35.26 -9.96
CA ILE B 101 20.10 -35.32 -9.22
C ILE B 101 19.02 -35.99 -10.06
N ASP B 102 18.38 -37.00 -9.49
CA ASP B 102 17.29 -37.80 -10.08
C ASP B 102 15.96 -37.08 -9.89
N ASP B 103 15.12 -37.03 -10.92
CA ASP B 103 13.84 -36.27 -10.87
C ASP B 103 12.98 -36.78 -9.71
N GLN B 104 13.02 -38.08 -9.40
CA GLN B 104 12.18 -38.63 -8.32
C GLN B 104 12.70 -38.10 -6.98
N ASP B 105 14.02 -38.09 -6.81
CA ASP B 105 14.66 -37.67 -5.53
C ASP B 105 14.40 -36.18 -5.32
N TYR B 106 14.43 -35.38 -6.39
CA TYR B 106 14.11 -33.93 -6.41
C TYR B 106 12.69 -33.68 -5.91
N LEU B 107 11.75 -34.48 -6.39
CA LEU B 107 10.31 -34.38 -5.99
C LEU B 107 10.18 -34.77 -4.52
N VAL B 108 10.73 -35.93 -4.17
CA VAL B 108 10.75 -36.45 -2.78
C VAL B 108 11.25 -35.35 -1.86
N SER B 109 12.37 -34.72 -2.21
CA SER B 109 13.07 -33.70 -1.40
C SER B 109 12.21 -32.46 -1.20
N LEU B 110 11.44 -32.05 -2.21
CA LEU B 110 10.67 -30.77 -2.15
C LEU B 110 9.28 -31.00 -1.55
N THR B 111 8.72 -32.22 -1.59
CA THR B 111 7.27 -32.42 -1.31
C THR B 111 7.02 -33.43 -0.19
N ARG B 112 7.84 -34.46 -0.03
CA ARG B 112 7.56 -35.55 0.94
C ARG B 112 7.30 -34.94 2.31
N ASN B 113 8.15 -33.99 2.74
CA ASN B 113 8.03 -33.23 4.01
C ASN B 113 8.03 -31.75 3.68
N PRO B 114 7.48 -30.85 4.51
CA PRO B 114 7.49 -29.42 4.19
C PRO B 114 8.90 -28.85 4.35
N PRO B 115 9.29 -27.85 3.53
CA PRO B 115 10.56 -27.15 3.71
C PRO B 115 10.49 -26.21 4.92
N SER B 116 11.65 -25.84 5.48
CA SER B 116 11.82 -24.79 6.53
C SER B 116 12.08 -23.43 5.88
N GLU B 117 11.79 -22.35 6.59
CA GLU B 117 12.02 -20.95 6.16
C GLU B 117 13.23 -20.36 6.91
N SER B 118 14.08 -19.62 6.18
CA SER B 118 15.12 -18.68 6.71
C SER B 118 14.81 -17.24 6.25
N GLU B 119 15.36 -16.23 6.95
CA GLU B 119 15.02 -14.79 6.76
C GLU B 119 16.28 -13.97 6.52
N GLY B 120 17.08 -14.34 5.52
CA GLY B 120 18.32 -13.63 5.12
C GLY B 120 18.34 -13.16 3.67
N SER B 121 17.22 -13.27 2.93
CA SER B 121 17.08 -12.87 1.51
C SER B 121 16.00 -11.79 1.37
N ASP B 122 16.05 -11.09 0.22
CA ASP B 122 15.20 -9.93 -0.14
C ASP B 122 13.81 -10.42 -0.57
N GLY B 123 13.58 -11.73 -0.61
CA GLY B 123 12.24 -12.34 -0.58
C GLY B 123 12.19 -13.58 0.30
N ARG B 124 11.24 -14.48 0.03
CA ARG B 124 11.10 -15.83 0.64
C ARG B 124 12.40 -16.62 0.44
N PHE B 125 12.77 -17.49 1.38
CA PHE B 125 13.93 -18.39 1.19
C PHE B 125 13.77 -19.69 1.98
N LEU B 126 13.59 -20.81 1.28
CA LEU B 126 13.21 -22.08 1.92
C LEU B 126 14.32 -23.11 1.76
N ILE B 127 14.44 -24.02 2.71
CA ILE B 127 15.39 -25.16 2.63
C ILE B 127 14.57 -26.46 2.70
N SER B 128 14.82 -27.37 1.77
CA SER B 128 14.27 -28.75 1.78
C SER B 128 14.42 -29.32 3.20
N TYR B 129 13.42 -30.07 3.66
CA TYR B 129 13.49 -30.80 4.96
C TYR B 129 14.86 -31.46 5.05
N ASP B 130 15.31 -32.08 3.96
CA ASP B 130 16.54 -32.92 3.94
C ASP B 130 17.79 -32.05 3.75
N ARG B 131 17.59 -30.74 3.60
CA ARG B 131 18.65 -29.70 3.62
C ARG B 131 19.60 -29.86 2.41
N THR B 132 19.16 -30.51 1.33
CA THR B 132 19.93 -30.70 0.08
C THR B 132 19.61 -29.58 -0.92
N LEU B 133 18.42 -28.98 -0.80
CA LEU B 133 17.96 -27.96 -1.76
C LEU B 133 17.58 -26.68 -1.04
N VAL B 134 17.65 -25.61 -1.81
CA VAL B 134 17.26 -24.25 -1.42
C VAL B 134 16.29 -23.72 -2.49
N ILE B 135 15.27 -23.00 -2.05
CA ILE B 135 14.24 -22.36 -2.95
C ILE B 135 14.22 -20.87 -2.63
N LYS B 136 14.72 -20.04 -3.55
CA LYS B 136 14.84 -18.58 -3.33
C LYS B 136 13.81 -17.85 -4.18
N GLU B 137 12.92 -17.07 -3.57
CA GLU B 137 12.01 -16.18 -4.35
C GLU B 137 12.90 -15.15 -5.04
N VAL B 138 12.58 -14.81 -6.29
CA VAL B 138 13.23 -13.68 -7.02
C VAL B 138 12.15 -12.80 -7.64
N SER B 139 12.56 -11.75 -8.33
CA SER B 139 11.64 -10.74 -8.95
C SER B 139 11.43 -11.09 -10.43
N SER B 140 10.38 -10.52 -11.04
CA SER B 140 10.14 -10.68 -12.49
C SER B 140 11.37 -10.25 -13.26
N GLU B 141 11.91 -9.08 -12.91
CA GLU B 141 13.08 -8.46 -13.57
C GLU B 141 14.26 -9.44 -13.52
N ASP B 142 14.42 -10.11 -12.38
CA ASP B 142 15.47 -11.15 -12.21
C ASP B 142 15.23 -12.25 -13.25
N ILE B 143 14.04 -12.85 -13.26
CA ILE B 143 13.68 -13.98 -14.15
C ILE B 143 13.97 -13.58 -15.58
N ALA B 144 13.58 -12.37 -16.01
CA ALA B 144 13.79 -11.89 -17.38
C ALA B 144 15.28 -11.93 -17.74
N ASP B 145 16.14 -11.48 -16.82
CA ASP B 145 17.62 -11.46 -17.03
C ASP B 145 18.14 -12.91 -17.08
N MET B 146 17.72 -13.70 -16.10
CA MET B 146 18.25 -15.07 -15.92
C MET B 146 17.88 -15.91 -17.14
N HIS B 147 16.74 -15.65 -17.79
CA HIS B 147 16.28 -16.42 -18.97
C HIS B 147 17.29 -16.30 -20.10
N SER B 148 17.82 -15.09 -20.38
CA SER B 148 18.74 -14.84 -21.51
C SER B 148 20.01 -15.65 -21.41
N ASN B 149 20.44 -16.10 -20.23
CA ASN B 149 21.78 -16.69 -20.04
C ASN B 149 21.70 -18.18 -19.76
N LEU B 150 20.50 -18.73 -19.75
CA LEU B 150 20.28 -20.15 -19.43
C LEU B 150 20.94 -21.03 -20.49
N SER B 151 20.87 -20.62 -21.75
CA SER B 151 21.53 -21.34 -22.86
C SER B 151 23.05 -21.30 -22.64
N ASN B 152 23.65 -20.12 -22.47
CA ASN B 152 25.12 -20.08 -22.22
C ASN B 152 25.46 -20.87 -20.96
N TYR B 153 24.64 -20.77 -19.92
CA TYR B 153 24.87 -21.50 -18.65
C TYR B 153 24.93 -22.99 -18.95
N HIS B 154 23.96 -23.47 -19.71
CA HIS B 154 23.89 -24.89 -20.07
C HIS B 154 25.19 -25.27 -20.80
N GLN B 155 25.60 -24.51 -21.82
CA GLN B 155 26.85 -24.80 -22.58
C GLN B 155 27.98 -24.94 -21.58
N TYR B 156 28.10 -23.93 -20.71
CA TYR B 156 29.19 -23.83 -19.71
C TYR B 156 29.17 -25.08 -18.84
N ILE B 157 27.99 -25.49 -18.38
CA ILE B 157 27.85 -26.64 -17.44
C ILE B 157 28.33 -27.90 -18.14
N VAL B 158 27.90 -28.10 -19.38
CA VAL B 158 28.32 -29.31 -20.15
C VAL B 158 29.85 -29.29 -20.21
N LYS B 159 30.39 -28.13 -20.56
CA LYS B 159 31.83 -27.93 -20.86
C LYS B 159 32.68 -28.21 -19.61
N CYS B 160 32.18 -27.92 -18.41
CA CYS B 160 32.94 -28.12 -17.13
C CYS B 160 32.43 -29.34 -16.34
N HIS B 161 31.54 -30.13 -16.95
CA HIS B 161 31.07 -31.43 -16.41
C HIS B 161 30.39 -31.21 -15.06
N GLY B 162 29.57 -30.15 -14.95
CA GLY B 162 28.74 -29.90 -13.76
C GLY B 162 29.52 -29.33 -12.58
N ASN B 163 30.81 -29.08 -12.74
CA ASN B 163 31.76 -28.86 -11.63
C ASN B 163 32.17 -27.39 -11.65
N THR B 164 31.53 -26.59 -10.78
CA THR B 164 31.53 -25.12 -10.78
C THR B 164 31.17 -24.63 -9.39
N LEU B 165 31.56 -23.41 -9.07
CA LEU B 165 31.21 -22.77 -7.79
C LEU B 165 29.93 -21.97 -7.98
N LEU B 166 29.48 -21.87 -9.23
CA LEU B 166 28.22 -21.19 -9.55
C LEU B 166 27.12 -22.00 -8.91
N PRO B 167 25.94 -21.38 -8.69
CA PRO B 167 24.78 -22.10 -8.24
C PRO B 167 24.46 -23.16 -9.30
N GLN B 168 24.03 -24.32 -8.81
CA GLN B 168 23.47 -25.40 -9.63
C GLN B 168 21.97 -25.16 -9.71
N PHE B 169 21.50 -24.51 -10.78
CA PHE B 169 20.06 -24.22 -10.98
C PHE B 169 19.36 -25.52 -11.36
N LEU B 170 18.32 -25.88 -10.61
CA LEU B 170 17.60 -27.16 -10.70
C LEU B 170 16.18 -26.96 -11.22
N GLY B 171 15.59 -25.77 -11.10
CA GLY B 171 14.23 -25.53 -11.61
C GLY B 171 13.84 -24.09 -11.46
N MET B 172 12.81 -23.62 -12.14
CA MET B 172 12.49 -22.17 -12.18
C MET B 172 11.02 -21.99 -12.51
N TYR B 173 10.24 -21.41 -11.61
CA TYR B 173 8.77 -21.49 -11.61
C TYR B 173 8.15 -20.13 -11.36
N ARG B 174 6.90 -19.95 -11.76
CA ARG B 174 6.09 -18.79 -11.37
C ARG B 174 4.76 -19.29 -10.81
N VAL B 175 4.63 -19.29 -9.48
CA VAL B 175 3.34 -19.57 -8.80
C VAL B 175 2.57 -18.27 -8.69
N SER B 176 1.25 -18.34 -8.82
CA SER B 176 0.35 -17.16 -8.86
C SER B 176 -0.84 -17.47 -7.96
N VAL B 177 -1.21 -16.54 -7.08
CA VAL B 177 -2.26 -16.69 -6.04
C VAL B 177 -2.97 -15.33 -5.93
N ASP B 178 -4.25 -15.30 -6.37
CA ASP B 178 -4.97 -14.07 -6.79
C ASP B 178 -4.12 -13.44 -7.90
N ASN B 179 -4.02 -12.11 -7.92
CA ASN B 179 -3.34 -11.29 -8.97
C ASN B 179 -1.81 -11.42 -8.83
N GLU B 180 -1.33 -12.10 -7.77
CA GLU B 180 0.07 -11.89 -7.29
C GLU B 180 0.93 -13.09 -7.71
N ASP B 181 1.74 -12.87 -8.73
CA ASP B 181 2.80 -13.80 -9.22
C ASP B 181 4.03 -13.71 -8.32
N SER B 182 4.72 -14.83 -8.11
CA SER B 182 5.95 -14.95 -7.29
C SER B 182 6.87 -15.97 -7.95
N TYR B 183 8.10 -15.58 -8.29
CA TYR B 183 9.03 -16.39 -9.09
C TYR B 183 9.99 -17.11 -8.15
N MET B 184 10.04 -18.41 -8.25
CA MET B 184 10.80 -19.27 -7.32
C MET B 184 11.87 -19.97 -8.12
N LEU B 185 13.02 -20.15 -7.50
CA LEU B 185 14.22 -20.65 -8.21
C LEU B 185 14.92 -21.63 -7.29
N VAL B 186 15.14 -22.85 -7.77
CA VAL B 186 15.60 -23.96 -6.91
C VAL B 186 17.06 -24.21 -7.25
N MET B 187 17.91 -24.31 -6.24
CA MET B 187 19.34 -24.59 -6.40
C MET B 187 19.75 -25.68 -5.43
N ARG B 188 20.83 -26.39 -5.74
CA ARG B 188 21.46 -27.27 -4.75
C ARG B 188 21.98 -26.36 -3.64
N ASN B 189 21.87 -26.81 -2.39
CA ASN B 189 22.38 -26.10 -1.19
C ASN B 189 23.91 -26.14 -1.25
N MET B 190 24.55 -24.96 -1.15
CA MET B 190 26.04 -24.81 -1.14
C MET B 190 26.56 -25.28 0.23
N PHE B 191 25.73 -25.18 1.26
CA PHE B 191 25.99 -25.72 2.62
C PHE B 191 25.60 -27.19 2.69
N SER B 192 25.76 -27.81 3.87
CA SER B 192 25.68 -29.29 4.04
C SER B 192 24.28 -29.70 4.49
N HIS B 193 23.91 -30.93 4.16
CA HIS B 193 22.69 -31.67 4.61
C HIS B 193 22.92 -32.26 6.01
N ARG B 194 24.19 -32.46 6.41
CA ARG B 194 24.60 -32.98 7.75
C ARG B 194 25.27 -31.85 8.56
N LEU B 195 26.55 -31.56 8.29
CA LEU B 195 27.45 -30.69 9.10
C LEU B 195 26.92 -29.26 9.10
N PRO B 196 26.41 -28.72 10.24
CA PRO B 196 25.85 -27.38 10.27
C PRO B 196 26.94 -26.28 10.25
N VAL B 197 26.61 -25.14 9.66
CA VAL B 197 27.54 -23.98 9.53
C VAL B 197 27.57 -23.22 10.87
N HIS B 198 28.76 -22.94 11.38
CA HIS B 198 28.97 -22.20 12.65
C HIS B 198 29.21 -20.71 12.36
N ARG B 199 29.90 -20.39 11.27
CA ARG B 199 30.25 -19.00 10.90
C ARG B 199 30.11 -18.83 9.40
N LYS B 200 29.80 -17.59 8.96
CA LYS B 200 29.20 -17.33 7.63
C LYS B 200 29.57 -15.93 7.13
N TYR B 201 30.20 -15.85 5.95
CA TYR B 201 30.72 -14.60 5.34
C TYR B 201 30.21 -14.43 3.90
N ASP B 202 29.89 -13.19 3.53
CA ASP B 202 29.58 -12.74 2.15
C ASP B 202 30.70 -11.81 1.69
N LEU B 203 31.55 -12.25 0.77
CA LEU B 203 32.79 -11.51 0.40
C LEU B 203 32.66 -10.99 -1.03
N LYS B 204 32.78 -9.69 -1.23
CA LYS B 204 32.79 -9.07 -2.60
C LYS B 204 34.20 -8.59 -2.97
N GLY B 205 35.03 -8.30 -1.97
CA GLY B 205 36.28 -7.54 -2.11
C GLY B 205 36.01 -6.13 -2.58
N SER B 206 35.06 -5.41 -1.95
CA SER B 206 34.71 -4.00 -2.24
C SER B 206 35.86 -3.04 -1.90
N LEU B 207 35.90 -1.87 -2.56
CA LEU B 207 36.79 -0.73 -2.19
C LEU B 207 36.26 -0.12 -0.88
N VAL B 208 34.98 0.25 -0.83
CA VAL B 208 34.29 0.68 0.42
C VAL B 208 34.39 -0.45 1.45
N SER B 209 34.41 -0.11 2.73
CA SER B 209 34.09 -1.00 3.87
C SER B 209 32.76 -1.73 3.63
N ARG B 210 32.78 -3.07 3.72
CA ARG B 210 31.57 -3.91 3.85
C ARG B 210 31.56 -4.45 5.28
N GLU B 211 30.56 -4.07 6.06
CA GLU B 211 30.49 -4.43 7.49
C GLU B 211 29.07 -4.90 7.81
N ALA B 212 28.93 -6.03 8.50
CA ALA B 212 27.67 -6.49 9.16
C ALA B 212 27.25 -5.39 10.13
N SER B 213 25.95 -5.04 10.16
CA SER B 213 25.37 -4.08 11.13
C SER B 213 25.21 -4.78 12.50
N ASP B 214 25.04 -3.98 13.58
CA ASP B 214 24.91 -4.48 14.97
C ASP B 214 23.63 -5.30 15.09
N LYS B 215 22.53 -4.80 14.51
CA LYS B 215 21.24 -5.54 14.39
C LYS B 215 21.56 -7.00 14.05
N GLU B 216 22.37 -7.18 13.00
CA GLU B 216 22.75 -8.49 12.39
C GLU B 216 23.42 -9.39 13.43
N LYS B 217 24.48 -8.89 14.10
CA LYS B 217 25.42 -9.73 14.91
C LYS B 217 24.72 -10.31 16.15
N VAL B 218 23.47 -9.90 16.44
CA VAL B 218 22.63 -10.45 17.53
C VAL B 218 22.04 -11.80 17.10
N LYS B 219 21.99 -12.09 15.80
CA LYS B 219 21.48 -13.37 15.24
C LYS B 219 22.41 -14.51 15.67
N GLU B 220 21.89 -15.74 15.64
CA GLU B 220 22.57 -16.98 16.10
C GLU B 220 23.70 -17.30 15.11
N LEU B 221 23.42 -17.15 13.80
CA LEU B 221 24.39 -17.33 12.69
C LEU B 221 24.29 -16.12 11.76
N PRO B 222 24.97 -15.00 12.09
CA PRO B 222 24.86 -13.78 11.30
C PRO B 222 25.70 -13.85 10.01
N THR B 223 25.25 -13.15 8.96
CA THR B 223 25.99 -12.97 7.70
C THR B 223 27.01 -11.84 7.88
N LEU B 224 28.26 -12.21 8.18
CA LEU B 224 29.41 -11.27 8.28
C LEU B 224 29.87 -10.89 6.86
N LYS B 225 30.66 -9.82 6.73
CA LYS B 225 31.10 -9.29 5.40
C LYS B 225 32.62 -9.09 5.40
N ASP B 226 33.15 -8.44 4.35
CA ASP B 226 34.59 -8.27 4.05
C ASP B 226 35.35 -7.82 5.29
N MET B 227 34.95 -6.67 5.82
CA MET B 227 35.70 -5.98 6.90
C MET B 227 35.68 -6.85 8.15
N ASP B 228 34.54 -7.48 8.44
CA ASP B 228 34.38 -8.41 9.59
C ASP B 228 35.35 -9.58 9.39
N PHE B 229 35.58 -9.99 8.15
CA PHE B 229 36.48 -11.12 7.80
C PHE B 229 37.92 -10.72 8.13
N LEU B 230 38.28 -9.50 7.72
CA LEU B 230 39.66 -8.97 7.83
C LEU B 230 39.95 -8.69 9.32
N ASN B 231 39.00 -8.07 10.04
CA ASN B 231 39.12 -7.69 11.47
C ASN B 231 39.26 -8.93 12.36
N LYS B 232 38.46 -9.98 12.13
CA LYS B 232 38.53 -11.24 12.91
C LYS B 232 39.83 -11.96 12.53
N ASN B 233 40.51 -11.50 11.49
CA ASN B 233 41.76 -12.12 10.99
C ASN B 233 41.47 -13.55 10.53
N GLN B 234 40.28 -13.79 9.97
CA GLN B 234 39.92 -15.12 9.41
C GLN B 234 40.81 -15.37 8.18
N LYS B 235 41.38 -16.57 8.13
CA LYS B 235 42.04 -17.15 6.93
C LYS B 235 41.40 -18.51 6.66
N VAL B 236 41.56 -19.02 5.44
CA VAL B 236 41.05 -20.36 5.01
C VAL B 236 42.27 -21.25 4.72
N TYR B 237 42.40 -22.38 5.42
CA TYR B 237 43.59 -23.25 5.36
C TYR B 237 43.24 -24.59 4.72
N ILE B 238 43.55 -24.80 3.44
CA ILE B 238 43.09 -26.02 2.69
C ILE B 238 44.24 -26.80 2.03
N GLY B 239 45.42 -26.21 1.81
CA GLY B 239 46.55 -26.92 1.18
C GLY B 239 46.65 -26.61 -0.29
N GLU B 240 47.87 -26.67 -0.86
CA GLU B 240 48.24 -25.97 -2.13
C GLU B 240 47.59 -26.70 -3.31
N GLU B 241 47.51 -28.04 -3.26
CA GLU B 241 46.86 -28.90 -4.29
C GLU B 241 45.41 -28.46 -4.49
N GLU B 242 44.65 -28.46 -3.39
CA GLU B 242 43.19 -28.19 -3.30
C GLU B 242 42.89 -26.73 -3.63
N LYS B 243 43.81 -25.84 -3.30
CA LYS B 243 43.69 -24.38 -3.49
C LYS B 243 43.91 -24.06 -4.98
N LYS B 244 44.88 -24.69 -5.62
CA LYS B 244 45.19 -24.52 -7.07
C LYS B 244 43.94 -24.92 -7.87
N ILE B 245 43.30 -26.01 -7.47
CA ILE B 245 42.05 -26.53 -8.08
C ILE B 245 40.95 -25.48 -7.89
N PHE B 246 40.69 -25.07 -6.65
CA PHE B 246 39.60 -24.13 -6.29
C PHE B 246 39.74 -22.82 -7.08
N LEU B 247 40.95 -22.27 -7.14
CA LEU B 247 41.22 -20.97 -7.80
C LEU B 247 41.15 -21.08 -9.33
N GLU B 248 41.55 -22.22 -9.91
CA GLU B 248 41.42 -22.43 -11.39
C GLU B 248 39.91 -22.51 -11.71
N LYS B 249 39.12 -23.11 -10.83
CA LYS B 249 37.64 -23.19 -10.96
C LYS B 249 37.05 -21.78 -10.89
N LEU B 250 37.37 -21.04 -9.85
CA LEU B 250 36.84 -19.67 -9.62
C LEU B 250 37.18 -18.76 -10.80
N LYS B 251 38.40 -18.88 -11.33
CA LYS B 251 38.89 -18.04 -12.46
C LYS B 251 37.93 -18.20 -13.65
N ARG B 252 37.67 -19.44 -14.09
CA ARG B 252 36.82 -19.68 -15.29
C ARG B 252 35.36 -19.39 -14.94
N ASP B 253 34.90 -19.71 -13.73
CA ASP B 253 33.55 -19.30 -13.26
C ASP B 253 33.39 -17.79 -13.42
N VAL B 254 34.41 -17.02 -13.03
CA VAL B 254 34.35 -15.53 -13.01
C VAL B 254 34.52 -15.00 -14.43
N GLU B 255 35.41 -15.60 -15.21
CA GLU B 255 35.58 -15.24 -16.63
C GLU B 255 34.21 -15.35 -17.31
N PHE B 256 33.49 -16.44 -17.04
CA PHE B 256 32.12 -16.68 -17.55
C PHE B 256 31.17 -15.55 -17.11
N LEU B 257 31.22 -15.16 -15.83
CA LEU B 257 30.32 -14.10 -15.34
C LEU B 257 30.59 -12.79 -16.08
N VAL B 258 31.84 -12.55 -16.46
CA VAL B 258 32.25 -11.34 -17.23
C VAL B 258 31.66 -11.40 -18.64
N GLN B 259 31.91 -12.53 -19.29
CA GLN B 259 31.31 -12.91 -20.59
C GLN B 259 29.83 -12.51 -20.57
N LEU B 260 29.10 -12.85 -19.49
CA LEU B 260 27.65 -12.56 -19.34
C LEU B 260 27.42 -11.10 -18.90
N LYS B 261 28.46 -10.28 -18.79
CA LYS B 261 28.37 -8.86 -18.33
C LYS B 261 27.67 -8.80 -16.96
N ILE B 262 27.94 -9.76 -16.07
CA ILE B 262 27.36 -9.83 -14.69
C ILE B 262 28.40 -9.32 -13.67
N MET B 263 27.92 -8.64 -12.62
CA MET B 263 28.76 -8.24 -11.47
C MET B 263 27.90 -8.09 -10.20
N ASP B 264 28.48 -7.68 -9.08
CA ASP B 264 27.80 -7.54 -7.76
C ASP B 264 27.51 -8.93 -7.19
N TYR B 265 28.27 -9.94 -7.61
CA TYR B 265 28.27 -11.30 -7.01
C TYR B 265 29.24 -11.32 -5.83
N SER B 266 29.00 -12.28 -4.93
CA SER B 266 29.77 -12.45 -3.66
C SER B 266 30.29 -13.88 -3.60
N LEU B 267 31.35 -14.16 -2.88
CA LEU B 267 31.66 -15.56 -2.53
C LEU B 267 30.98 -15.83 -1.20
N LEU B 268 30.06 -16.78 -1.16
CA LEU B 268 29.55 -17.25 0.14
C LEU B 268 30.60 -18.15 0.75
N LEU B 269 30.96 -17.89 2.02
CA LEU B 269 31.88 -18.76 2.79
C LEU B 269 31.21 -19.11 4.12
N GLY B 270 30.91 -20.40 4.29
CA GLY B 270 30.45 -20.95 5.58
C GLY B 270 31.51 -21.86 6.17
N ILE B 271 31.67 -21.83 7.49
CA ILE B 271 32.68 -22.67 8.20
C ILE B 271 31.98 -23.51 9.28
N HIS B 272 32.29 -24.80 9.25
CA HIS B 272 31.91 -25.81 10.28
C HIS B 272 33.17 -26.12 11.10
N ASP B 273 33.19 -25.68 12.36
CA ASP B 273 34.17 -26.09 13.38
C ASP B 273 33.78 -27.51 13.78
N ILE B 274 34.74 -28.45 13.81
CA ILE B 274 34.44 -29.91 14.06
C ILE B 274 34.28 -30.12 15.58
N ILE B 275 33.09 -29.72 16.06
CA ILE B 275 32.56 -29.89 17.44
C ILE B 275 31.28 -30.75 17.39
N ARG B 276 30.68 -30.95 16.21
CA ARG B 276 29.52 -31.87 16.03
C ARG B 276 30.04 -33.29 15.74
N ILE B 293 26.90 -35.53 -2.76
CA ILE B 293 26.26 -34.68 -1.72
C ILE B 293 26.88 -33.27 -1.82
N ASP B 294 27.81 -32.93 -0.89
CA ASP B 294 28.22 -31.53 -0.61
C ASP B 294 29.37 -31.18 -1.56
N VAL B 295 29.04 -30.54 -2.68
CA VAL B 295 29.92 -30.43 -3.88
C VAL B 295 30.87 -29.24 -3.70
N TYR B 296 30.53 -28.37 -2.75
CA TYR B 296 31.17 -27.05 -2.50
C TYR B 296 32.12 -27.13 -1.29
N ALA B 297 32.25 -28.32 -0.68
CA ALA B 297 32.91 -28.52 0.63
C ALA B 297 34.39 -28.82 0.41
N ILE B 298 35.25 -28.28 1.28
CA ILE B 298 36.72 -28.52 1.30
C ILE B 298 37.14 -28.68 2.76
N ARG B 299 37.89 -29.75 3.08
CA ARG B 299 38.43 -29.98 4.45
C ARG B 299 39.70 -29.13 4.65
N SER B 300 39.87 -28.60 5.87
CA SER B 300 41.12 -27.99 6.37
C SER B 300 42.29 -28.92 6.10
N ALA B 301 43.42 -28.34 5.64
CA ALA B 301 44.73 -29.03 5.49
C ALA B 301 45.17 -29.65 6.83
N GLU B 302 46.13 -30.57 6.77
CA GLU B 302 46.80 -31.21 7.94
C GLU B 302 47.38 -30.12 8.86
N GLY B 303 48.15 -29.20 8.28
CA GLY B 303 48.89 -28.14 9.00
C GLY B 303 48.00 -27.09 9.63
N ALA B 304 46.76 -26.94 9.15
CA ALA B 304 45.76 -25.94 9.62
C ALA B 304 45.77 -25.80 11.15
N PRO B 305 45.58 -24.58 11.68
CA PRO B 305 45.33 -24.37 13.10
C PRO B 305 43.97 -24.86 13.63
N GLN B 306 43.07 -25.34 12.78
CA GLN B 306 41.74 -25.83 13.24
C GLN B 306 41.23 -26.96 12.34
N LYS B 307 40.57 -27.95 12.95
CA LYS B 307 39.78 -29.03 12.27
C LYS B 307 38.45 -28.41 11.84
N GLU B 308 38.43 -27.84 10.62
CA GLU B 308 37.36 -26.99 10.03
C GLU B 308 36.97 -27.56 8.66
N VAL B 309 35.70 -27.39 8.23
CA VAL B 309 35.22 -27.69 6.85
C VAL B 309 34.68 -26.39 6.29
N TYR B 310 35.06 -26.09 5.04
CA TYR B 310 34.70 -24.83 4.34
C TYR B 310 33.69 -25.14 3.24
N PHE B 311 32.71 -24.25 3.10
CA PHE B 311 31.69 -24.26 2.05
C PHE B 311 31.77 -22.94 1.31
N MET B 312 32.22 -22.98 0.07
CA MET B 312 32.35 -21.74 -0.74
C MET B 312 31.63 -21.92 -2.08
N GLY B 313 30.83 -20.93 -2.51
CA GLY B 313 30.34 -20.82 -3.89
C GLY B 313 29.86 -19.43 -4.23
N LEU B 314 29.58 -19.13 -5.49
CA LEU B 314 29.25 -17.73 -5.93
C LEU B 314 27.76 -17.45 -5.77
N ILE B 315 27.36 -16.23 -5.37
CA ILE B 315 25.95 -15.88 -5.06
C ILE B 315 25.59 -14.45 -5.49
N ASP B 316 24.26 -14.21 -5.54
CA ASP B 316 23.44 -12.99 -5.85
C ASP B 316 23.55 -12.64 -7.38
N ILE B 317 22.99 -13.44 -8.31
CA ILE B 317 23.71 -13.88 -9.57
C ILE B 317 22.76 -14.22 -10.72
N LEU B 318 23.17 -15.08 -11.68
CA LEU B 318 22.86 -15.19 -13.15
C LEU B 318 21.99 -14.06 -13.70
N THR B 319 21.98 -12.88 -13.07
CA THR B 319 21.72 -11.58 -13.71
C THR B 319 20.27 -11.18 -13.44
N HIS B 346 33.23 -1.86 -16.42
CA HIS B 346 33.11 -2.03 -14.95
C HIS B 346 33.18 -3.51 -14.55
N PRO B 347 32.43 -4.46 -15.18
CA PRO B 347 32.44 -5.86 -14.77
C PRO B 347 33.82 -6.54 -14.84
N GLU B 348 34.67 -6.11 -15.75
CA GLU B 348 36.07 -6.60 -15.90
C GLU B 348 36.85 -6.24 -14.64
N GLN B 349 36.59 -5.03 -14.14
CA GLN B 349 37.20 -4.44 -12.92
C GLN B 349 36.70 -5.20 -11.71
N TYR B 350 35.37 -5.35 -11.58
CA TYR B 350 34.70 -6.05 -10.45
C TYR B 350 35.37 -7.41 -10.26
N ALA B 351 35.60 -8.13 -11.36
CA ALA B 351 36.19 -9.48 -11.39
C ALA B 351 37.60 -9.44 -10.80
N LYS B 352 38.47 -8.58 -11.32
CA LYS B 352 39.89 -8.48 -10.90
C LYS B 352 39.95 -8.19 -9.40
N ARG B 353 39.19 -7.20 -8.93
CA ARG B 353 39.16 -6.83 -7.50
C ARG B 353 38.72 -8.05 -6.71
N PHE B 354 37.60 -8.64 -7.13
CA PHE B 354 36.95 -9.81 -6.50
C PHE B 354 37.97 -10.95 -6.39
N LEU B 355 38.68 -11.27 -7.49
CA LEU B 355 39.63 -12.41 -7.48
C LEU B 355 40.81 -12.13 -6.56
N ASP B 356 41.44 -10.96 -6.73
CA ASP B 356 42.52 -10.52 -5.82
C ASP B 356 42.02 -10.80 -4.40
N PHE B 357 40.86 -10.26 -4.04
CA PHE B 357 40.38 -10.31 -2.64
C PHE B 357 40.33 -11.76 -2.19
N ILE B 358 39.69 -12.63 -2.97
CA ILE B 358 39.35 -13.95 -2.40
C ILE B 358 40.57 -14.87 -2.57
N THR B 359 41.52 -14.54 -3.45
CA THR B 359 42.79 -15.33 -3.53
C THR B 359 43.61 -15.09 -2.25
N ASN B 360 43.38 -13.96 -1.59
CA ASN B 360 44.10 -13.55 -0.35
C ASN B 360 43.32 -13.98 0.90
N ILE B 361 42.46 -14.99 0.85
CA ILE B 361 41.81 -15.49 2.10
C ILE B 361 42.51 -16.77 2.54
N PHE B 362 43.52 -17.22 1.78
CA PHE B 362 44.22 -18.50 2.08
C PHE B 362 45.59 -18.24 2.73
N ASP C 29 1.20 30.37 -9.77
CA ASP C 29 0.01 31.27 -9.68
C ASP C 29 -0.07 31.88 -8.29
N PRO C 30 -0.28 33.22 -8.18
CA PRO C 30 -0.44 33.87 -6.87
C PRO C 30 -1.53 33.25 -5.99
N LEU C 31 -2.74 33.09 -6.54
CA LEU C 31 -3.90 32.63 -5.76
C LEU C 31 -3.58 31.30 -5.10
N VAL C 32 -2.97 30.35 -5.81
CA VAL C 32 -2.68 29.01 -5.22
C VAL C 32 -1.61 29.16 -4.14
N GLY C 33 -0.58 29.95 -4.39
CA GLY C 33 0.53 30.12 -3.42
C GLY C 33 0.01 30.60 -2.08
N VAL C 34 -0.78 31.68 -2.12
CA VAL C 34 -1.43 32.30 -0.94
C VAL C 34 -2.33 31.23 -0.28
N PHE C 35 -3.13 30.54 -1.09
CA PHE C 35 -4.08 29.52 -0.60
C PHE C 35 -3.30 28.49 0.25
N LEU C 36 -2.20 27.98 -0.30
CA LEU C 36 -1.46 26.87 0.35
C LEU C 36 -0.77 27.37 1.61
N TRP C 37 -0.30 28.62 1.58
CA TRP C 37 0.30 29.29 2.75
C TRP C 37 -0.75 29.39 3.86
N GLY C 38 -1.96 29.85 3.49
CA GLY C 38 -3.08 30.09 4.41
C GLY C 38 -3.54 28.81 5.07
N VAL C 39 -3.61 27.74 4.29
CA VAL C 39 -4.04 26.41 4.81
C VAL C 39 -3.03 25.99 5.88
N ALA C 40 -1.75 26.11 5.58
CA ALA C 40 -0.63 25.71 6.47
C ALA C 40 -0.68 26.56 7.74
N HIS C 41 -0.90 27.86 7.57
CA HIS C 41 -0.98 28.85 8.68
C HIS C 41 -2.14 28.50 9.59
N SER C 42 -3.30 28.23 9.02
CA SER C 42 -4.55 28.01 9.78
C SER C 42 -4.50 26.64 10.47
N ILE C 43 -3.92 25.62 9.84
CA ILE C 43 -3.85 24.28 10.47
C ILE C 43 -2.88 24.39 11.68
N ASN C 44 -1.86 25.24 11.57
CA ASN C 44 -0.84 25.42 12.65
C ASN C 44 -1.51 26.12 13.83
N GLU C 45 -2.23 27.23 13.59
CA GLU C 45 -3.08 27.90 14.61
C GLU C 45 -3.95 26.84 15.31
N LEU C 46 -4.62 25.99 14.55
CA LEU C 46 -5.56 25.02 15.14
C LEU C 46 -4.81 23.98 15.97
N SER C 47 -3.54 23.67 15.68
CA SER C 47 -2.80 22.65 16.46
C SER C 47 -2.58 23.17 17.89
N GLN C 48 -2.38 24.49 18.03
CA GLN C 48 -2.25 25.17 19.34
C GLN C 48 -3.58 25.05 20.11
N VAL C 49 -4.72 25.37 19.47
CA VAL C 49 -6.09 25.28 20.08
C VAL C 49 -6.42 23.82 20.35
N PRO C 50 -6.88 23.43 21.56
CA PRO C 50 -7.43 22.09 21.74
C PRO C 50 -8.84 22.02 21.17
N PRO C 51 -9.25 20.87 20.61
CA PRO C 51 -10.56 20.73 19.99
C PRO C 51 -11.63 20.75 21.07
N PRO C 52 -12.70 21.55 20.94
CA PRO C 52 -13.79 21.49 21.90
C PRO C 52 -14.50 20.14 21.72
N VAL C 53 -15.24 19.68 22.72
CA VAL C 53 -15.99 18.40 22.63
C VAL C 53 -17.32 18.67 21.93
N MET C 54 -17.73 19.94 21.91
CA MET C 54 -19.07 20.38 21.41
C MET C 54 -18.94 21.75 20.75
N LEU C 55 -19.55 21.94 19.60
CA LEU C 55 -19.55 23.23 18.88
C LEU C 55 -20.62 24.10 19.50
N LEU C 56 -20.47 25.41 19.36
CA LEU C 56 -21.43 26.40 19.91
C LEU C 56 -21.97 27.24 18.76
N PRO C 57 -23.18 27.79 18.92
CA PRO C 57 -23.83 28.53 17.85
C PRO C 57 -22.91 29.52 17.11
N ASP C 58 -22.03 30.18 17.86
CA ASP C 58 -21.10 31.21 17.34
C ASP C 58 -20.03 30.57 16.46
N ASP C 59 -19.62 29.33 16.73
CA ASP C 59 -18.60 28.67 15.88
C ASP C 59 -19.02 28.69 14.41
N PHE C 60 -20.33 28.76 14.12
CA PHE C 60 -20.86 28.74 12.72
C PHE C 60 -20.99 30.16 12.15
N LYS C 61 -20.58 31.20 12.88
CA LYS C 61 -20.59 32.60 12.41
C LYS C 61 -19.15 33.16 12.51
N ALA C 62 -18.22 32.31 12.92
CA ALA C 62 -16.81 32.67 13.20
C ALA C 62 -16.00 32.69 11.91
N SER C 63 -14.85 33.33 11.98
CA SER C 63 -13.81 33.39 10.92
C SER C 63 -12.48 33.83 11.52
N SER C 64 -11.39 33.49 10.85
CA SER C 64 -10.00 33.94 11.09
C SER C 64 -9.52 34.71 9.86
N LYS C 65 -9.22 36.02 9.93
CA LYS C 65 -8.61 36.78 8.79
C LYS C 65 -7.14 37.05 9.09
N ILE C 66 -6.31 37.12 8.06
CA ILE C 66 -4.86 37.48 8.14
C ILE C 66 -4.60 38.44 7.00
N LYS C 67 -4.10 39.62 7.27
CA LYS C 67 -3.56 40.51 6.21
C LYS C 67 -2.03 40.50 6.37
N VAL C 68 -1.32 40.08 5.34
CA VAL C 68 0.16 40.14 5.29
C VAL C 68 0.54 41.28 4.36
N ASN C 69 1.60 41.98 4.74
CA ASN C 69 2.14 43.12 3.97
C ASN C 69 3.64 43.22 4.31
N ASN C 70 4.47 42.52 3.53
CA ASN C 70 5.94 42.59 3.63
C ASN C 70 6.47 43.63 2.64
N HIS C 71 7.06 44.70 3.14
CA HIS C 71 7.80 45.71 2.34
C HIS C 71 9.27 45.27 2.20
N LEU C 72 9.72 45.06 0.95
CA LEU C 72 11.11 44.71 0.58
C LEU C 72 11.55 43.42 1.28
N PHE C 73 10.64 42.49 1.54
CA PHE C 73 10.96 41.17 2.15
C PHE C 73 10.12 40.12 1.43
N HIS C 74 10.72 39.30 0.57
CA HIS C 74 9.98 38.46 -0.41
C HIS C 74 10.14 36.98 -0.05
N ARG C 75 9.05 36.30 0.32
CA ARG C 75 8.90 34.83 0.19
C ARG C 75 8.71 34.49 -1.32
N GLU C 76 9.12 33.29 -1.76
CA GLU C 76 9.35 32.92 -3.19
C GLU C 76 8.08 32.93 -4.04
N ASN C 77 7.15 32.01 -3.77
CA ASN C 77 5.85 31.82 -4.45
C ASN C 77 4.79 32.86 -4.00
N LEU C 78 5.06 33.57 -2.89
CA LEU C 78 4.08 34.47 -2.26
C LEU C 78 4.29 35.89 -2.75
N PRO C 79 3.22 36.68 -2.87
CA PRO C 79 3.38 38.12 -3.05
C PRO C 79 3.67 38.79 -1.70
N SER C 80 3.91 40.09 -1.77
CA SER C 80 4.30 40.91 -0.62
C SER C 80 3.04 41.47 0.06
N HIS C 81 1.91 41.48 -0.63
CA HIS C 81 0.59 41.91 -0.09
C HIS C 81 -0.46 40.82 -0.36
N PHE C 82 -1.10 40.28 0.67
CA PHE C 82 -2.24 39.34 0.47
C PHE C 82 -3.04 39.19 1.75
N LYS C 83 -4.30 38.79 1.62
CA LYS C 83 -5.21 38.45 2.75
C LYS C 83 -5.66 37.00 2.60
N PHE C 84 -6.09 36.39 3.69
CA PHE C 84 -6.52 34.98 3.73
C PHE C 84 -7.56 34.86 4.83
N LYS C 85 -8.70 34.21 4.60
CA LYS C 85 -9.79 34.15 5.61
C LYS C 85 -10.26 32.72 5.72
N GLU C 86 -10.27 32.13 6.90
CA GLU C 86 -10.86 30.78 7.07
C GLU C 86 -12.24 30.98 7.70
N TYR C 87 -13.27 30.46 7.07
CA TYR C 87 -14.65 30.48 7.61
C TYR C 87 -14.78 29.32 8.60
N CYS C 88 -15.38 29.57 9.76
CA CYS C 88 -15.79 28.57 10.78
C CYS C 88 -14.69 27.54 11.03
N PRO C 89 -13.48 27.95 11.44
CA PRO C 89 -12.37 27.02 11.61
C PRO C 89 -12.72 25.82 12.49
N GLN C 90 -13.46 26.05 13.57
CA GLN C 90 -13.77 24.98 14.54
C GLN C 90 -14.72 23.97 13.92
N VAL C 91 -15.64 24.43 13.07
CA VAL C 91 -16.71 23.55 12.51
C VAL C 91 -16.06 22.65 11.47
N PHE C 92 -15.24 23.21 10.59
CA PHE C 92 -14.61 22.44 9.50
C PHE C 92 -13.60 21.48 10.12
N ARG C 93 -12.87 21.90 11.14
CA ARG C 93 -11.99 20.95 11.88
C ARG C 93 -12.79 19.78 12.43
N ASN C 94 -13.96 20.03 13.00
CA ASN C 94 -14.80 18.96 13.55
C ASN C 94 -15.33 18.06 12.41
N LEU C 95 -15.68 18.65 11.26
CA LEU C 95 -16.19 17.88 10.10
C LEU C 95 -15.06 17.00 9.56
N ARG C 96 -13.86 17.54 9.43
CA ARG C 96 -12.69 16.73 8.99
C ARG C 96 -12.57 15.54 9.94
N ASP C 97 -12.67 15.79 11.23
CA ASP C 97 -12.55 14.70 12.21
C ASP C 97 -13.67 13.67 11.94
N ARG C 98 -14.90 14.15 11.75
CA ARG C 98 -16.08 13.26 11.69
C ARG C 98 -16.09 12.47 10.39
N PHE C 99 -15.39 12.92 9.36
CA PHE C 99 -15.22 12.17 8.08
C PHE C 99 -13.91 11.37 8.11
N GLY C 100 -13.31 11.19 9.29
CA GLY C 100 -12.11 10.36 9.47
C GLY C 100 -10.87 10.92 8.79
N ILE C 101 -10.77 12.24 8.63
CA ILE C 101 -9.56 12.90 8.07
C ILE C 101 -8.83 13.66 9.18
N ASP C 102 -7.55 13.39 9.33
CA ASP C 102 -6.65 14.01 10.33
C ASP C 102 -6.14 15.35 9.78
N ASP C 103 -6.12 16.40 10.61
CA ASP C 103 -5.72 17.75 10.18
C ASP C 103 -4.32 17.71 9.54
N GLN C 104 -3.42 16.87 10.03
CA GLN C 104 -2.04 16.83 9.48
C GLN C 104 -2.10 16.22 8.07
N ASP C 105 -2.90 15.17 7.87
CA ASP C 105 -3.01 14.46 6.57
C ASP C 105 -3.66 15.40 5.56
N TYR C 106 -4.64 16.20 5.98
CA TYR C 106 -5.34 17.23 5.17
C TYR C 106 -4.31 18.26 4.67
N LEU C 107 -3.43 18.71 5.56
CA LEU C 107 -2.35 19.70 5.24
C LEU C 107 -1.37 19.07 4.25
N VAL C 108 -0.87 17.88 4.59
CA VAL C 108 0.04 17.08 3.74
C VAL C 108 -0.56 17.02 2.32
N SER C 109 -1.84 16.64 2.22
CA SER C 109 -2.57 16.41 0.96
C SER C 109 -2.68 17.70 0.15
N LEU C 110 -2.84 18.86 0.78
CA LEU C 110 -3.07 20.13 0.06
C LEU C 110 -1.75 20.82 -0.28
N THR C 111 -0.66 20.57 0.45
CA THR C 111 0.55 21.45 0.39
C THR C 111 1.83 20.68 0.06
N ARG C 112 1.98 19.42 0.46
CA ARG C 112 3.24 18.67 0.26
C ARG C 112 3.64 18.79 -1.22
N ASN C 113 2.70 18.57 -2.14
CA ASN C 113 2.88 18.69 -3.61
C ASN C 113 1.83 19.67 -4.13
N PRO C 114 2.01 20.36 -5.27
CA PRO C 114 0.97 21.26 -5.76
C PRO C 114 -0.23 20.48 -6.29
N PRO C 115 -1.47 21.01 -6.13
CA PRO C 115 -2.65 20.38 -6.72
C PRO C 115 -2.65 20.64 -8.24
N SER C 116 -3.33 19.77 -9.01
CA SER C 116 -3.52 19.89 -10.48
C SER C 116 -4.80 20.68 -10.75
N GLU C 117 -4.81 21.45 -11.83
CA GLU C 117 -5.91 22.39 -12.19
C GLU C 117 -6.70 21.86 -13.40
N SER C 118 -8.03 21.92 -13.31
CA SER C 118 -9.01 21.26 -14.23
C SER C 118 -10.01 22.32 -14.75
N GLU C 119 -10.65 22.03 -15.88
CA GLU C 119 -11.56 22.97 -16.61
C GLU C 119 -12.87 22.24 -16.93
N ASP C 122 -15.76 30.67 -15.79
CA ASP C 122 -14.28 30.73 -15.69
C ASP C 122 -13.83 30.63 -14.22
N GLY C 123 -14.25 29.53 -13.58
CA GLY C 123 -13.95 29.22 -12.16
C GLY C 123 -12.79 28.26 -12.01
N ARG C 124 -11.96 28.47 -11.00
CA ARG C 124 -10.90 27.53 -10.55
C ARG C 124 -11.51 26.18 -10.19
N PHE C 125 -10.80 25.09 -10.39
CA PHE C 125 -11.21 23.77 -9.85
C PHE C 125 -10.00 22.84 -9.79
N LEU C 126 -9.51 22.54 -8.59
CA LEU C 126 -8.21 21.88 -8.40
C LEU C 126 -8.42 20.52 -7.75
N ILE C 127 -7.54 19.58 -8.03
CA ILE C 127 -7.51 18.25 -7.36
C ILE C 127 -6.18 18.11 -6.63
N SER C 128 -6.21 17.71 -5.37
CA SER C 128 -5.01 17.32 -4.61
C SER C 128 -4.13 16.41 -5.47
N TYR C 129 -2.81 16.58 -5.42
CA TYR C 129 -1.83 15.70 -6.07
C TYR C 129 -2.27 14.26 -5.81
N ASP C 130 -2.66 13.94 -4.57
CA ASP C 130 -2.94 12.55 -4.15
C ASP C 130 -4.38 12.15 -4.53
N ARG C 131 -5.13 13.08 -5.12
CA ARG C 131 -6.44 12.86 -5.78
C ARG C 131 -7.50 12.47 -4.75
N THR C 132 -7.30 12.80 -3.46
CA THR C 132 -8.27 12.54 -2.37
C THR C 132 -9.18 13.74 -2.17
N LEU C 133 -8.73 14.94 -2.56
CA LEU C 133 -9.47 16.20 -2.31
C LEU C 133 -9.71 16.96 -3.61
N VAL C 134 -10.75 17.79 -3.57
CA VAL C 134 -11.14 18.74 -4.63
C VAL C 134 -11.28 20.12 -3.98
N ILE C 135 -10.80 21.16 -4.67
CA ILE C 135 -10.86 22.58 -4.21
C ILE C 135 -11.53 23.39 -5.31
N LYS C 136 -12.76 23.80 -5.09
CA LYS C 136 -13.59 24.46 -6.13
C LYS C 136 -13.74 25.93 -5.78
N GLU C 137 -13.35 26.85 -6.65
CA GLU C 137 -13.68 28.29 -6.47
C GLU C 137 -15.19 28.43 -6.55
N VAL C 138 -15.77 29.24 -5.67
CA VAL C 138 -17.23 29.57 -5.69
C VAL C 138 -17.39 31.08 -5.53
N SER C 139 -18.64 31.55 -5.51
CA SER C 139 -19.00 32.98 -5.41
C SER C 139 -19.30 33.33 -3.96
N SER C 140 -19.31 34.62 -3.64
CA SER C 140 -19.67 35.11 -2.28
C SER C 140 -21.08 34.59 -1.97
N GLU C 141 -22.02 34.72 -2.90
CA GLU C 141 -23.44 34.31 -2.64
C GLU C 141 -23.49 32.79 -2.41
N ASP C 142 -22.59 32.02 -3.00
CA ASP C 142 -22.47 30.58 -2.68
C ASP C 142 -22.06 30.42 -1.21
N ILE C 143 -21.00 31.09 -0.78
CA ILE C 143 -20.49 31.04 0.62
C ILE C 143 -21.63 31.42 1.58
N ALA C 144 -22.41 32.45 1.25
CA ALA C 144 -23.59 32.88 2.05
C ALA C 144 -24.60 31.73 2.17
N ASP C 145 -24.84 30.97 1.11
CA ASP C 145 -25.76 29.80 1.11
C ASP C 145 -25.18 28.69 1.98
N MET C 146 -23.90 28.40 1.81
CA MET C 146 -23.18 27.39 2.63
C MET C 146 -23.40 27.70 4.12
N HIS C 147 -23.30 28.97 4.48
CA HIS C 147 -23.34 29.40 5.89
C HIS C 147 -24.70 29.07 6.49
N SER C 148 -25.81 29.27 5.78
CA SER C 148 -27.19 29.06 6.31
C SER C 148 -27.39 27.64 6.79
N ASN C 149 -26.79 26.65 6.13
CA ASN C 149 -27.20 25.25 6.39
C ASN C 149 -26.10 24.46 7.08
N LEU C 150 -24.99 25.14 7.41
CA LEU C 150 -23.78 24.49 7.96
C LEU C 150 -24.16 23.83 9.29
N SER C 151 -24.95 24.52 10.11
CA SER C 151 -25.32 24.01 11.45
C SER C 151 -26.18 22.74 11.29
N ASN C 152 -27.25 22.80 10.51
CA ASN C 152 -28.08 21.59 10.30
C ASN C 152 -27.24 20.50 9.64
N TYR C 153 -26.38 20.86 8.70
CA TYR C 153 -25.50 19.88 8.00
C TYR C 153 -24.66 19.18 9.05
N HIS C 154 -24.08 19.94 9.95
CA HIS C 154 -23.22 19.39 11.02
C HIS C 154 -24.06 18.41 11.83
N GLN C 155 -25.25 18.80 12.30
CA GLN C 155 -26.11 17.91 13.12
C GLN C 155 -26.28 16.61 12.33
N TYR C 156 -26.66 16.73 11.07
CA TYR C 156 -26.93 15.58 10.18
C TYR C 156 -25.71 14.68 10.12
N ILE C 157 -24.52 15.27 9.94
CA ILE C 157 -23.26 14.50 9.80
C ILE C 157 -23.00 13.73 11.11
N VAL C 158 -23.16 14.37 12.27
CA VAL C 158 -22.97 13.70 13.58
C VAL C 158 -23.91 12.49 13.59
N LYS C 159 -25.16 12.73 13.21
CA LYS C 159 -26.28 11.78 13.36
C LYS C 159 -26.03 10.54 12.49
N CYS C 160 -25.38 10.70 11.33
CA CYS C 160 -25.13 9.57 10.39
C CYS C 160 -23.67 9.13 10.43
N HIS C 161 -22.88 9.66 11.36
CA HIS C 161 -21.48 9.23 11.63
C HIS C 161 -20.63 9.45 10.37
N GLY C 162 -20.84 10.56 9.67
CA GLY C 162 -20.02 10.96 8.51
C GLY C 162 -20.28 10.15 7.24
N ASN C 163 -21.30 9.30 7.25
CA ASN C 163 -21.59 8.32 6.18
C ASN C 163 -22.80 8.82 5.35
N THR C 164 -22.55 9.44 4.20
CA THR C 164 -23.56 10.17 3.40
C THR C 164 -23.11 10.24 1.94
N LEU C 165 -24.05 10.43 1.03
CA LEU C 165 -23.75 10.60 -0.41
C LEU C 165 -23.62 12.11 -0.69
N LEU C 166 -23.96 12.92 0.30
CA LEU C 166 -23.81 14.39 0.20
C LEU C 166 -22.33 14.68 0.11
N PRO C 167 -21.98 15.88 -0.41
CA PRO C 167 -20.60 16.34 -0.38
C PRO C 167 -20.08 16.35 1.06
N GLN C 168 -18.85 15.91 1.24
CA GLN C 168 -18.13 16.01 2.53
C GLN C 168 -17.32 17.31 2.52
N PHE C 169 -17.87 18.39 3.08
CA PHE C 169 -17.16 19.70 3.17
C PHE C 169 -16.06 19.62 4.22
N LEU C 170 -14.84 19.99 3.85
CA LEU C 170 -13.62 19.88 4.69
C LEU C 170 -13.08 21.27 5.10
N GLY C 171 -13.38 22.34 4.37
CA GLY C 171 -12.79 23.66 4.68
C GLY C 171 -13.31 24.71 3.73
N MET C 172 -13.20 26.00 4.06
CA MET C 172 -13.87 27.05 3.27
C MET C 172 -13.18 28.38 3.53
N TYR C 173 -12.61 28.99 2.50
CA TYR C 173 -11.58 30.06 2.61
C TYR C 173 -11.89 31.22 1.66
N ARG C 174 -11.35 32.40 1.94
CA ARG C 174 -11.35 33.54 0.98
C ARG C 174 -9.93 34.09 0.87
N VAL C 175 -9.21 33.71 -0.17
CA VAL C 175 -7.88 34.27 -0.52
C VAL C 175 -8.11 35.55 -1.34
N SER C 176 -7.25 36.54 -1.12
CA SER C 176 -7.34 37.88 -1.74
C SER C 176 -5.94 38.28 -2.19
N VAL C 177 -5.81 38.77 -3.43
CA VAL C 177 -4.52 39.20 -4.03
C VAL C 177 -4.82 40.40 -4.95
N ASP C 178 -4.39 41.59 -4.53
CA ASP C 178 -4.52 42.90 -5.23
C ASP C 178 -6.01 43.18 -5.55
N ASN C 179 -6.84 43.27 -4.51
CA ASN C 179 -8.25 43.75 -4.54
C ASN C 179 -9.16 42.64 -5.10
N GLU C 180 -8.59 41.51 -5.54
CA GLU C 180 -9.32 40.40 -6.19
C GLU C 180 -9.50 39.28 -5.16
N ASP C 181 -10.69 39.19 -4.52
CA ASP C 181 -11.07 38.10 -3.60
C ASP C 181 -11.55 36.89 -4.42
N SER C 182 -11.28 35.68 -3.94
CA SER C 182 -11.72 34.40 -4.54
C SER C 182 -12.05 33.41 -3.43
N TYR C 183 -13.25 32.83 -3.42
CA TYR C 183 -13.72 31.95 -2.33
C TYR C 183 -13.48 30.50 -2.72
N MET C 184 -12.77 29.74 -1.90
CA MET C 184 -12.36 28.36 -2.24
C MET C 184 -13.01 27.42 -1.25
N LEU C 185 -13.41 26.24 -1.69
CA LEU C 185 -14.25 25.31 -0.90
C LEU C 185 -13.69 23.91 -1.12
N VAL C 186 -13.33 23.21 -0.07
CA VAL C 186 -12.59 21.93 -0.16
C VAL C 186 -13.56 20.83 0.20
N MET C 187 -13.62 19.78 -0.62
CA MET C 187 -14.50 18.61 -0.43
C MET C 187 -13.67 17.35 -0.63
N ARG C 188 -14.07 16.26 0.00
CA ARG C 188 -13.51 14.93 -0.33
C ARG C 188 -13.93 14.65 -1.77
N ASN C 189 -13.02 14.06 -2.55
CA ASN C 189 -13.25 13.71 -3.98
C ASN C 189 -14.23 12.53 -4.01
N MET C 190 -15.34 12.68 -4.75
CA MET C 190 -16.36 11.63 -4.94
C MET C 190 -15.80 10.52 -5.85
N PHE C 191 -14.86 10.91 -6.73
CA PHE C 191 -14.11 10.01 -7.64
C PHE C 191 -12.88 9.46 -6.91
N SER C 192 -12.06 8.68 -7.61
CA SER C 192 -10.98 7.86 -7.02
C SER C 192 -9.62 8.57 -7.11
N HIS C 193 -8.70 8.18 -6.21
CA HIS C 193 -7.26 8.54 -6.18
C HIS C 193 -6.45 7.72 -7.19
N ARG C 194 -6.96 6.54 -7.56
CA ARG C 194 -6.34 5.55 -8.48
C ARG C 194 -7.20 5.46 -9.74
N LEU C 195 -8.31 4.70 -9.70
CA LEU C 195 -9.13 4.26 -10.87
C LEU C 195 -9.76 5.47 -11.55
N PRO C 196 -9.33 5.86 -12.77
CA PRO C 196 -9.86 7.03 -13.43
C PRO C 196 -11.24 6.80 -14.03
N VAL C 197 -12.06 7.85 -14.06
CA VAL C 197 -13.46 7.81 -14.56
C VAL C 197 -13.44 7.85 -16.09
N HIS C 198 -14.14 6.91 -16.73
CA HIS C 198 -14.23 6.81 -18.21
C HIS C 198 -15.51 7.50 -18.71
N ARG C 199 -16.61 7.42 -17.95
CA ARG C 199 -17.93 7.97 -18.35
C ARG C 199 -18.56 8.64 -17.13
N LYS C 200 -19.38 9.66 -17.36
CA LYS C 200 -19.82 10.64 -16.32
C LYS C 200 -21.23 11.14 -16.63
N TYR C 201 -22.17 10.96 -15.70
CA TYR C 201 -23.60 11.33 -15.81
C TYR C 201 -24.04 12.22 -14.64
N ASP C 202 -24.86 13.22 -14.95
CA ASP C 202 -25.59 14.11 -14.01
C ASP C 202 -27.09 13.84 -14.19
N LEU C 203 -27.70 13.15 -13.23
CA LEU C 203 -29.07 12.61 -13.35
C LEU C 203 -29.99 13.34 -12.37
N LYS C 204 -31.04 13.99 -12.86
CA LYS C 204 -32.02 14.73 -12.04
C LYS C 204 -33.38 14.01 -12.02
N GLY C 205 -33.68 13.26 -13.09
CA GLY C 205 -35.03 12.74 -13.39
C GLY C 205 -35.98 13.90 -13.70
N SER C 206 -35.58 14.81 -14.60
CA SER C 206 -36.40 15.94 -15.13
C SER C 206 -37.58 15.45 -15.99
N LEU C 207 -38.66 16.23 -16.05
CA LEU C 207 -39.79 16.04 -17.00
C LEU C 207 -39.29 16.44 -18.39
N VAL C 208 -38.73 17.66 -18.53
CA VAL C 208 -38.05 18.12 -19.78
C VAL C 208 -36.90 17.14 -20.09
N SER C 209 -36.59 16.97 -21.38
CA SER C 209 -35.35 16.30 -21.86
C SER C 209 -34.14 17.04 -21.26
N ARG C 210 -33.23 16.28 -20.63
CA ARG C 210 -31.89 16.74 -20.21
C ARG C 210 -30.88 16.06 -21.13
N GLU C 211 -30.20 16.83 -21.98
CA GLU C 211 -29.27 16.31 -22.99
C GLU C 211 -28.00 17.15 -22.96
N ALA C 212 -26.83 16.49 -22.95
CA ALA C 212 -25.51 17.12 -23.17
C ALA C 212 -25.54 17.84 -24.52
N SER C 213 -25.06 19.09 -24.58
CA SER C 213 -24.95 19.89 -25.82
C SER C 213 -23.73 19.41 -26.62
N ASP C 214 -23.64 19.78 -27.90
CA ASP C 214 -22.53 19.38 -28.82
C ASP C 214 -21.21 19.95 -28.30
N LYS C 215 -21.22 21.23 -27.92
CA LYS C 215 -20.07 21.92 -27.27
C LYS C 215 -19.43 20.93 -26.27
N GLU C 216 -20.28 20.37 -25.39
CA GLU C 216 -19.90 19.48 -24.25
C GLU C 216 -19.17 18.24 -24.77
N LYS C 217 -19.77 17.51 -25.72
CA LYS C 217 -19.34 16.13 -26.11
C LYS C 217 -17.98 16.15 -26.80
N VAL C 218 -17.42 17.33 -27.08
CA VAL C 218 -16.04 17.51 -27.63
C VAL C 218 -15.01 17.35 -26.51
N LYS C 219 -15.42 17.50 -25.25
CA LYS C 219 -14.52 17.35 -24.06
C LYS C 219 -14.12 15.87 -23.94
N GLU C 220 -13.02 15.60 -23.24
CA GLU C 220 -12.38 14.26 -23.14
C GLU C 220 -13.28 13.35 -22.29
N LEU C 221 -13.84 13.91 -21.20
CA LEU C 221 -14.80 13.21 -20.30
C LEU C 221 -16.02 14.12 -20.07
N PRO C 222 -16.99 14.14 -21.00
CA PRO C 222 -18.09 15.09 -20.92
C PRO C 222 -19.15 14.66 -19.88
N THR C 223 -19.85 15.64 -19.30
CA THR C 223 -20.99 15.44 -18.39
C THR C 223 -22.24 15.14 -19.23
N LEU C 224 -22.56 13.86 -19.34
CA LEU C 224 -23.80 13.36 -19.97
C LEU C 224 -24.96 13.57 -18.98
N LYS C 225 -26.20 13.57 -19.46
CA LYS C 225 -27.41 13.86 -18.64
C LYS C 225 -28.45 12.76 -18.83
N ASP C 226 -29.65 12.96 -18.30
CA ASP C 226 -30.77 11.98 -18.22
C ASP C 226 -30.96 11.28 -19.57
N MET C 227 -31.26 12.04 -20.61
CA MET C 227 -31.64 11.50 -21.94
C MET C 227 -30.48 10.70 -22.52
N ASP C 228 -29.25 11.21 -22.37
CA ASP C 228 -28.02 10.51 -22.83
C ASP C 228 -27.94 9.16 -22.09
N PHE C 229 -28.38 9.12 -20.83
CA PHE C 229 -28.33 7.90 -19.98
C PHE C 229 -29.33 6.87 -20.51
N LEU C 230 -30.54 7.35 -20.83
CA LEU C 230 -31.68 6.51 -21.29
C LEU C 230 -31.37 5.97 -22.70
N ASN C 231 -30.86 6.83 -23.59
CA ASN C 231 -30.53 6.50 -25.01
C ASN C 231 -29.42 5.46 -25.07
N LYS C 232 -28.35 5.61 -24.30
CA LYS C 232 -27.22 4.66 -24.27
C LYS C 232 -27.68 3.38 -23.55
N ASN C 233 -28.90 3.39 -23.00
CA ASN C 233 -29.48 2.22 -22.29
C ASN C 233 -28.63 1.85 -21.08
N GLN C 234 -28.04 2.86 -20.41
CA GLN C 234 -27.12 2.61 -19.27
C GLN C 234 -27.97 2.12 -18.10
N LYS C 235 -27.51 1.06 -17.44
CA LYS C 235 -28.04 0.52 -16.17
C LYS C 235 -26.84 0.37 -15.22
N VAL C 236 -27.08 0.33 -13.91
CA VAL C 236 -26.02 0.17 -12.87
C VAL C 236 -26.26 -1.17 -12.15
N TYR C 237 -25.27 -2.06 -12.17
CA TYR C 237 -25.40 -3.46 -11.69
C TYR C 237 -24.53 -3.65 -10.43
N ILE C 238 -25.11 -3.64 -9.23
CA ILE C 238 -24.30 -3.68 -7.97
C ILE C 238 -24.69 -4.81 -7.01
N GLY C 239 -25.87 -5.43 -7.12
CA GLY C 239 -26.27 -6.49 -6.17
C GLY C 239 -27.43 -5.98 -5.40
N GLU C 240 -27.98 -6.73 -4.41
CA GLU C 240 -29.26 -6.38 -3.71
C GLU C 240 -28.98 -5.97 -2.26
N GLU C 241 -28.01 -6.64 -1.61
CA GLU C 241 -27.40 -6.26 -0.30
C GLU C 241 -26.93 -4.80 -0.35
N GLU C 242 -26.05 -4.52 -1.30
CA GLU C 242 -25.30 -3.25 -1.49
C GLU C 242 -26.28 -2.14 -1.90
N LYS C 243 -27.34 -2.51 -2.63
CA LYS C 243 -28.35 -1.58 -3.19
C LYS C 243 -29.29 -1.15 -2.06
N LYS C 244 -29.69 -2.08 -1.19
CA LYS C 244 -30.54 -1.80 0.00
C LYS C 244 -29.85 -0.74 0.88
N ILE C 245 -28.54 -0.91 1.08
CA ILE C 245 -27.67 0.02 1.85
C ILE C 245 -27.67 1.39 1.15
N PHE C 246 -27.31 1.42 -0.12
CA PHE C 246 -27.17 2.67 -0.93
C PHE C 246 -28.49 3.46 -0.91
N LEU C 247 -29.61 2.78 -1.11
CA LEU C 247 -30.96 3.42 -1.18
C LEU C 247 -31.43 3.91 0.19
N GLU C 248 -31.11 3.20 1.28
CA GLU C 248 -31.45 3.67 2.66
C GLU C 248 -30.66 4.96 2.94
N LYS C 249 -29.42 5.02 2.47
CA LYS C 249 -28.55 6.20 2.57
C LYS C 249 -29.15 7.37 1.76
N LEU C 250 -29.44 7.13 0.49
CA LEU C 250 -30.00 8.15 -0.43
C LEU C 250 -31.31 8.72 0.15
N LYS C 251 -32.16 7.85 0.68
CA LYS C 251 -33.48 8.24 1.23
C LYS C 251 -33.29 9.34 2.29
N ARG C 252 -32.44 9.09 3.30
CA ARG C 252 -32.29 10.02 4.43
C ARG C 252 -31.49 11.24 3.95
N ASP C 253 -30.50 11.07 3.07
CA ASP C 253 -29.79 12.20 2.43
C ASP C 253 -30.81 13.13 1.75
N VAL C 254 -31.78 12.56 1.05
CA VAL C 254 -32.78 13.31 0.25
C VAL C 254 -33.83 13.91 1.19
N GLU C 255 -34.24 13.16 2.20
CA GLU C 255 -35.21 13.66 3.21
C GLU C 255 -34.62 14.92 3.81
N PHE C 256 -33.34 14.88 4.15
CA PHE C 256 -32.59 16.03 4.68
C PHE C 256 -32.63 17.21 3.70
N LEU C 257 -32.39 16.96 2.41
CA LEU C 257 -32.37 18.07 1.43
C LEU C 257 -33.76 18.71 1.34
N VAL C 258 -34.81 17.93 1.54
CA VAL C 258 -36.21 18.41 1.53
C VAL C 258 -36.43 19.31 2.76
N GLN C 259 -36.09 18.76 3.92
CA GLN C 259 -36.07 19.46 5.22
C GLN C 259 -35.48 20.87 4.99
N LEU C 260 -34.36 20.96 4.28
CA LEU C 260 -33.65 22.25 4.01
C LEU C 260 -34.34 23.03 2.86
N LYS C 261 -35.45 22.53 2.31
CA LYS C 261 -36.16 23.16 1.17
C LYS C 261 -35.20 23.35 -0.01
N ILE C 262 -34.31 22.39 -0.25
CA ILE C 262 -33.34 22.39 -1.39
C ILE C 262 -33.87 21.46 -2.50
N MET C 263 -33.65 21.85 -3.75
CA MET C 263 -33.97 21.01 -4.93
C MET C 263 -33.03 21.40 -6.09
N ASP C 264 -33.21 20.78 -7.26
CA ASP C 264 -32.36 20.98 -8.47
C ASP C 264 -31.00 20.34 -8.21
N TYR C 265 -30.94 19.35 -7.32
CA TYR C 265 -29.75 18.50 -7.11
C TYR C 265 -29.81 17.32 -8.10
N SER C 266 -28.64 16.72 -8.33
CA SER C 266 -28.44 15.61 -9.29
C SER C 266 -27.74 14.46 -8.59
N LEU C 267 -27.85 13.25 -9.09
CA LEU C 267 -26.87 12.20 -8.70
C LEU C 267 -25.73 12.27 -9.70
N LEU C 268 -24.52 12.54 -9.22
CA LEU C 268 -23.30 12.38 -10.04
C LEU C 268 -23.02 10.88 -10.11
N LEU C 269 -22.86 10.37 -11.32
CA LEU C 269 -22.51 8.96 -11.57
C LEU C 269 -21.31 8.94 -12.51
N GLY C 270 -20.17 8.49 -11.99
CA GLY C 270 -18.95 8.23 -12.77
C GLY C 270 -18.73 6.75 -12.88
N ILE C 271 -18.29 6.27 -14.06
CA ILE C 271 -18.03 4.82 -14.29
C ILE C 271 -16.59 4.62 -14.77
N HIS C 272 -15.91 3.69 -14.10
CA HIS C 272 -14.58 3.16 -14.47
C HIS C 272 -14.80 1.76 -15.08
N ASP C 273 -14.60 1.63 -16.40
CA ASP C 273 -14.52 0.34 -17.11
C ASP C 273 -13.14 -0.25 -16.81
N ILE C 274 -13.05 -1.57 -16.67
CA ILE C 274 -11.74 -2.28 -16.47
C ILE C 274 -11.34 -3.01 -17.77
N ILE C 293 -11.35 5.37 2.56
CA ILE C 293 -10.74 5.24 1.19
C ILE C 293 -11.59 6.07 0.21
N ASP C 294 -11.84 5.58 -1.00
CA ASP C 294 -12.87 6.12 -1.96
C ASP C 294 -14.26 5.75 -1.44
N VAL C 295 -14.95 6.68 -0.76
CA VAL C 295 -16.08 6.40 0.17
C VAL C 295 -17.37 6.27 -0.64
N TYR C 296 -17.35 6.72 -1.90
CA TYR C 296 -18.54 6.81 -2.78
C TYR C 296 -18.58 5.64 -3.79
N ALA C 297 -17.59 4.72 -3.73
CA ALA C 297 -17.32 3.71 -4.78
C ALA C 297 -18.06 2.41 -4.49
N ILE C 298 -18.59 1.77 -5.53
CA ILE C 298 -19.31 0.47 -5.44
C ILE C 298 -18.90 -0.36 -6.66
N ARG C 299 -18.50 -1.62 -6.41
CA ARG C 299 -18.10 -2.60 -7.46
C ARG C 299 -19.36 -3.19 -8.12
N SER C 300 -19.27 -3.44 -9.43
CA SER C 300 -20.20 -4.29 -10.22
C SER C 300 -20.45 -5.61 -9.45
N ALA C 301 -21.71 -6.06 -9.40
CA ALA C 301 -22.12 -7.40 -8.91
C ALA C 301 -21.41 -8.51 -9.72
N GLU C 302 -21.41 -9.73 -9.20
CA GLU C 302 -20.81 -10.93 -9.87
C GLU C 302 -21.46 -11.15 -11.25
N GLY C 303 -22.80 -11.14 -11.27
CA GLY C 303 -23.61 -11.42 -12.47
C GLY C 303 -23.51 -10.35 -13.55
N ALA C 304 -23.12 -9.12 -13.18
CA ALA C 304 -23.05 -7.92 -14.06
C ALA C 304 -22.50 -8.27 -15.45
N PRO C 305 -23.05 -7.65 -16.53
CA PRO C 305 -22.46 -7.71 -17.86
C PRO C 305 -21.13 -6.97 -18.06
N GLN C 306 -20.59 -6.31 -17.04
CA GLN C 306 -19.28 -5.61 -17.15
C GLN C 306 -18.53 -5.64 -15.80
N LYS C 307 -17.20 -5.72 -15.85
CA LYS C 307 -16.28 -5.38 -14.73
C LYS C 307 -16.16 -3.85 -14.69
N GLU C 308 -17.06 -3.21 -13.93
CA GLU C 308 -17.20 -1.73 -13.80
C GLU C 308 -17.13 -1.33 -12.31
N VAL C 309 -16.66 -0.12 -12.02
CA VAL C 309 -16.71 0.52 -10.66
C VAL C 309 -17.53 1.80 -10.81
N TYR C 310 -18.49 1.98 -9.90
CA TYR C 310 -19.42 3.15 -9.90
C TYR C 310 -19.06 4.10 -8.76
N PHE C 311 -19.13 5.39 -9.07
CA PHE C 311 -18.93 6.51 -8.12
C PHE C 311 -20.21 7.35 -8.13
N MET C 312 -20.96 7.31 -7.04
CA MET C 312 -22.25 8.03 -6.97
C MET C 312 -22.26 8.90 -5.71
N GLY C 313 -22.63 10.18 -5.86
CA GLY C 313 -22.90 11.12 -4.75
C GLY C 313 -23.80 12.26 -5.19
N LEU C 314 -24.35 13.03 -4.26
CA LEU C 314 -25.31 14.11 -4.61
C LEU C 314 -24.56 15.40 -4.92
N ILE C 315 -25.06 16.19 -5.87
CA ILE C 315 -24.37 17.40 -6.42
C ILE C 315 -25.40 18.50 -6.68
N ASP C 316 -24.93 19.66 -7.11
CA ASP C 316 -25.72 20.90 -7.31
C ASP C 316 -25.02 21.72 -8.40
N ILE C 317 -25.64 22.80 -8.87
CA ILE C 317 -24.93 23.84 -9.66
C ILE C 317 -23.74 24.33 -8.82
N LEU C 318 -23.93 24.47 -7.50
CA LEU C 318 -22.89 24.95 -6.56
C LEU C 318 -21.76 23.90 -6.49
N THR C 319 -22.12 22.63 -6.34
CA THR C 319 -21.22 21.55 -5.85
C THR C 319 -20.72 20.67 -7.02
N GLN C 320 -21.10 21.02 -8.26
CA GLN C 320 -20.73 20.34 -9.53
C GLN C 320 -19.23 20.04 -9.63
N TYR C 321 -18.84 18.95 -10.30
CA TYR C 321 -17.39 18.61 -10.55
C TYR C 321 -16.97 19.29 -11.86
N ASP C 322 -17.18 20.62 -11.92
CA ASP C 322 -16.91 21.55 -13.05
C ASP C 322 -16.62 22.96 -12.50
N ALA C 323 -16.16 23.88 -13.36
CA ALA C 323 -15.93 25.32 -13.06
C ALA C 323 -17.23 25.99 -12.57
N LYS C 324 -17.16 27.14 -11.90
CA LYS C 324 -18.32 28.08 -11.72
C LYS C 324 -18.55 28.83 -13.04
N LYS C 325 -19.81 29.13 -13.36
CA LYS C 325 -20.24 29.85 -14.60
C LYS C 325 -20.49 31.33 -14.27
N VAL C 345 -43.15 24.04 -8.78
CA VAL C 345 -42.75 22.69 -8.28
C VAL C 345 -42.20 22.83 -6.86
N HIS C 346 -42.54 21.85 -6.03
CA HIS C 346 -42.23 21.77 -4.59
C HIS C 346 -41.06 20.80 -4.38
N PRO C 347 -40.20 21.07 -3.38
CA PRO C 347 -39.06 20.19 -3.07
C PRO C 347 -39.45 18.74 -2.72
N GLU C 348 -40.63 18.55 -2.15
CA GLU C 348 -41.19 17.21 -1.81
C GLU C 348 -41.41 16.44 -3.12
N GLN C 349 -41.90 17.15 -4.15
CA GLN C 349 -42.17 16.64 -5.52
C GLN C 349 -40.85 16.29 -6.19
N TYR C 350 -39.91 17.25 -6.19
CA TYR C 350 -38.58 17.07 -6.84
C TYR C 350 -37.95 15.76 -6.35
N ALA C 351 -38.04 15.50 -5.04
CA ALA C 351 -37.48 14.30 -4.39
C ALA C 351 -38.12 13.03 -4.96
N LYS C 352 -39.46 12.95 -4.97
CA LYS C 352 -40.21 11.77 -5.45
C LYS C 352 -39.84 11.46 -6.90
N ARG C 353 -39.85 12.49 -7.77
CA ARG C 353 -39.49 12.33 -9.20
C ARG C 353 -38.05 11.81 -9.28
N PHE C 354 -37.15 12.49 -8.56
CA PHE C 354 -35.71 12.18 -8.50
C PHE C 354 -35.53 10.72 -8.07
N LEU C 355 -36.19 10.28 -7.01
CA LEU C 355 -36.01 8.91 -6.49
C LEU C 355 -36.58 7.87 -7.46
N ASP C 356 -37.82 8.07 -7.95
CA ASP C 356 -38.36 7.22 -9.05
C ASP C 356 -37.25 7.05 -10.09
N PHE C 357 -36.72 8.16 -10.60
CA PHE C 357 -35.76 8.12 -11.71
C PHE C 357 -34.57 7.24 -11.33
N ILE C 358 -33.96 7.48 -10.18
CA ILE C 358 -32.64 6.85 -9.93
C ILE C 358 -32.87 5.45 -9.36
N THR C 359 -34.09 5.12 -8.88
CA THR C 359 -34.41 3.73 -8.48
C THR C 359 -34.47 2.85 -9.73
N ASN C 360 -34.73 3.46 -10.89
CA ASN C 360 -34.79 2.79 -12.23
C ASN C 360 -33.44 2.84 -12.95
N ILE C 361 -32.33 2.88 -12.24
CA ILE C 361 -31.00 2.59 -12.86
C ILE C 361 -30.59 1.14 -12.59
N PHE D 25 0.83 38.28 38.65
CA PHE D 25 -0.28 37.49 38.06
C PHE D 25 -1.18 38.41 37.21
N ARG D 26 -0.97 38.39 35.90
CA ARG D 26 -1.83 39.07 34.92
C ARG D 26 -2.85 38.03 34.45
N ALA D 27 -4.15 38.35 34.60
CA ALA D 27 -5.31 37.48 34.27
C ALA D 27 -5.57 37.47 32.75
N ALA D 28 -5.23 38.60 32.09
CA ALA D 28 -4.77 38.68 30.68
C ALA D 28 -3.31 39.16 30.64
N ASP D 29 -2.71 39.19 29.46
CA ASP D 29 -1.56 40.06 29.11
C ASP D 29 -1.43 40.04 27.59
N PRO D 30 -2.28 40.80 26.89
CA PRO D 30 -2.33 40.78 25.43
C PRO D 30 -1.00 41.10 24.75
N LEU D 31 -0.33 42.18 25.14
CA LEU D 31 0.91 42.63 24.49
C LEU D 31 1.95 41.50 24.49
N VAL D 32 2.13 40.82 25.60
CA VAL D 32 3.16 39.74 25.66
C VAL D 32 2.70 38.55 24.81
N GLY D 33 1.43 38.20 24.86
CA GLY D 33 0.86 37.06 24.11
C GLY D 33 1.13 37.23 22.63
N VAL D 34 0.76 38.39 22.11
CA VAL D 34 0.96 38.78 20.69
C VAL D 34 2.45 38.75 20.39
N PHE D 35 3.26 39.34 21.26
CA PHE D 35 4.73 39.42 21.09
C PHE D 35 5.26 38.01 20.87
N LEU D 36 4.89 37.08 21.75
CA LEU D 36 5.48 35.71 21.73
C LEU D 36 4.99 34.96 20.48
N TRP D 37 3.74 35.19 20.09
CA TRP D 37 3.12 34.63 18.88
C TRP D 37 3.89 35.15 17.65
N GLY D 38 4.17 36.44 17.62
CA GLY D 38 4.84 37.15 16.51
C GLY D 38 6.25 36.66 16.34
N VAL D 39 6.95 36.46 17.44
CA VAL D 39 8.36 35.96 17.40
C VAL D 39 8.33 34.58 16.75
N ALA D 40 7.41 33.72 17.19
CA ALA D 40 7.26 32.33 16.70
C ALA D 40 6.94 32.36 15.21
N HIS D 41 5.98 33.21 14.83
CA HIS D 41 5.52 33.39 13.44
C HIS D 41 6.67 33.84 12.56
N SER D 42 7.44 34.85 13.01
CA SER D 42 8.50 35.49 12.19
C SER D 42 9.68 34.54 12.07
N ILE D 43 10.02 33.80 13.11
CA ILE D 43 11.17 32.86 13.05
C ILE D 43 10.79 31.73 12.09
N ASN D 44 9.51 31.35 12.01
CA ASN D 44 9.03 30.26 11.13
C ASN D 44 9.12 30.73 9.66
N GLU D 45 8.60 31.92 9.35
CA GLU D 45 8.78 32.58 8.04
C GLU D 45 10.27 32.55 7.66
N LEU D 46 11.15 32.94 8.57
CA LEU D 46 12.59 33.06 8.26
C LEU D 46 13.18 31.67 8.02
N SER D 47 12.65 30.60 8.60
CA SER D 47 13.24 29.25 8.39
C SER D 47 13.02 28.83 6.92
N GLN D 48 11.89 29.24 6.33
CA GLN D 48 11.56 29.03 4.91
C GLN D 48 12.59 29.77 4.04
N VAL D 49 12.83 31.06 4.32
CA VAL D 49 13.81 31.92 3.57
C VAL D 49 15.22 31.45 3.87
N PRO D 50 16.08 31.23 2.85
CA PRO D 50 17.50 31.00 3.13
C PRO D 50 18.18 32.32 3.45
N PRO D 51 19.23 32.32 4.31
CA PRO D 51 19.93 33.55 4.66
C PRO D 51 20.71 34.04 3.45
N PRO D 52 20.63 35.33 3.06
CA PRO D 52 21.43 35.85 1.97
C PRO D 52 22.89 35.83 2.43
N VAL D 53 23.82 35.88 1.48
CA VAL D 53 25.28 35.76 1.72
C VAL D 53 25.86 37.11 2.11
N MET D 54 25.12 38.17 1.81
CA MET D 54 25.48 39.60 1.95
C MET D 54 24.18 40.39 2.15
N LEU D 55 24.15 41.35 3.06
CA LEU D 55 22.95 42.23 3.21
C LEU D 55 23.02 43.32 2.16
N LEU D 56 21.89 43.86 1.76
CA LEU D 56 21.81 44.93 0.75
C LEU D 56 21.10 46.12 1.34
N PRO D 57 21.37 47.33 0.85
CA PRO D 57 20.76 48.54 1.39
C PRO D 57 19.26 48.45 1.65
N ASP D 58 18.52 47.70 0.84
CA ASP D 58 17.05 47.52 1.01
C ASP D 58 16.74 46.67 2.26
N ASP D 59 17.58 45.73 2.63
CA ASP D 59 17.32 44.89 3.83
C ASP D 59 17.15 45.80 5.06
N PHE D 60 17.73 47.01 5.05
CA PHE D 60 17.69 47.98 6.18
C PHE D 60 16.50 48.93 6.04
N LYS D 61 15.63 48.76 5.03
CA LYS D 61 14.38 49.53 4.87
C LYS D 61 13.19 48.56 4.86
N ALA D 62 13.47 47.28 5.08
CA ALA D 62 12.48 46.18 4.99
C ALA D 62 11.71 46.05 6.30
N SER D 63 10.53 45.42 6.21
CA SER D 63 9.69 45.00 7.36
C SER D 63 8.74 43.88 6.93
N SER D 64 8.25 43.10 7.89
CA SER D 64 7.11 42.15 7.73
C SER D 64 5.97 42.55 8.67
N LYS D 65 4.79 42.92 8.19
CA LYS D 65 3.57 43.08 9.03
C LYS D 65 2.64 41.86 8.86
N ILE D 66 1.89 41.52 9.92
CA ILE D 66 0.72 40.62 9.88
C ILE D 66 -0.40 41.27 10.68
N LYS D 67 -1.56 41.46 10.10
CA LYS D 67 -2.76 41.96 10.80
C LYS D 67 -3.73 40.79 10.90
N VAL D 68 -4.06 40.38 12.12
CA VAL D 68 -4.92 39.21 12.40
C VAL D 68 -6.22 39.75 12.99
N ASN D 69 -7.34 39.11 12.67
CA ASN D 69 -8.68 39.49 13.17
C ASN D 69 -9.53 38.22 13.26
N ASN D 70 -9.59 37.61 14.45
CA ASN D 70 -10.42 36.41 14.71
C ASN D 70 -11.78 36.84 15.28
N HIS D 71 -12.85 36.66 14.50
CA HIS D 71 -14.23 36.96 14.92
C HIS D 71 -14.84 35.66 15.45
N LEU D 72 -15.22 35.63 16.72
CA LEU D 72 -15.87 34.51 17.43
C LEU D 72 -14.99 33.26 17.34
N PHE D 73 -13.67 33.41 17.34
CA PHE D 73 -12.69 32.29 17.28
C PHE D 73 -11.54 32.64 18.22
N HIS D 74 -11.44 31.95 19.36
CA HIS D 74 -10.61 32.41 20.50
C HIS D 74 -9.33 31.60 20.61
N ARG D 75 -8.19 32.29 20.51
CA ARG D 75 -6.83 31.76 20.79
C ARG D 75 -6.44 32.13 22.23
N GLU D 76 -5.70 31.24 22.91
CA GLU D 76 -5.27 31.36 24.33
C GLU D 76 -4.20 32.46 24.47
N ASN D 77 -4.51 33.53 25.22
CA ASN D 77 -3.62 34.67 25.53
C ASN D 77 -3.60 35.72 24.40
N LEU D 78 -4.18 35.46 23.24
CA LEU D 78 -4.26 36.43 22.12
C LEU D 78 -5.61 37.17 22.21
N PRO D 79 -5.64 38.46 21.86
CA PRO D 79 -6.90 39.14 21.59
C PRO D 79 -7.44 38.77 20.20
N SER D 80 -8.58 39.34 19.87
CA SER D 80 -9.29 39.01 18.62
C SER D 80 -8.83 39.93 17.50
N HIS D 81 -8.23 41.07 17.84
CA HIS D 81 -7.63 42.01 16.84
C HIS D 81 -6.20 42.30 17.26
N PHE D 82 -5.23 42.08 16.40
CA PHE D 82 -3.84 42.52 16.68
C PHE D 82 -3.03 42.56 15.39
N LYS D 83 -1.96 43.35 15.41
CA LYS D 83 -0.90 43.40 14.38
C LYS D 83 0.43 43.02 15.01
N PHE D 84 1.38 42.66 14.19
CA PHE D 84 2.78 42.40 14.61
C PHE D 84 3.69 42.76 13.46
N LYS D 85 4.77 43.49 13.68
CA LYS D 85 5.66 43.99 12.61
C LYS D 85 7.11 43.69 13.02
N GLU D 86 7.90 43.04 12.17
CA GLU D 86 9.34 42.87 12.45
C GLU D 86 10.05 43.86 11.54
N TYR D 87 10.89 44.71 12.12
CA TYR D 87 11.75 45.67 11.40
C TYR D 87 12.97 44.90 10.89
N CYS D 88 13.38 45.11 9.64
CA CYS D 88 14.65 44.61 9.05
C CYS D 88 14.93 43.16 9.41
N PRO D 89 14.03 42.21 9.07
CA PRO D 89 14.15 40.83 9.54
C PRO D 89 15.48 40.21 9.14
N GLN D 90 15.98 40.53 7.95
CA GLN D 90 17.22 39.89 7.42
C GLN D 90 18.42 40.40 8.22
N VAL D 91 18.39 41.67 8.62
CA VAL D 91 19.53 42.33 9.28
C VAL D 91 19.66 41.76 10.71
N PHE D 92 18.54 41.68 11.43
CA PHE D 92 18.52 41.18 12.82
C PHE D 92 18.89 39.70 12.82
N ARG D 93 18.39 38.93 11.85
CA ARG D 93 18.83 37.52 11.67
C ARG D 93 20.37 37.44 11.51
N ASN D 94 20.94 38.31 10.71
CA ASN D 94 22.40 38.29 10.51
C ASN D 94 23.12 38.74 11.79
N LEU D 95 22.56 39.71 12.53
CA LEU D 95 23.14 40.17 13.82
C LEU D 95 23.09 39.03 14.84
N ARG D 96 21.97 38.32 14.94
CA ARG D 96 21.86 37.14 15.85
C ARG D 96 22.99 36.19 15.47
N ASP D 97 23.17 35.95 14.19
CA ASP D 97 24.22 35.01 13.76
C ASP D 97 25.58 35.54 14.23
N ARG D 98 25.84 36.82 14.00
CA ARG D 98 27.16 37.44 14.23
C ARG D 98 27.47 37.51 15.72
N PHE D 99 26.45 37.48 16.59
CA PHE D 99 26.62 37.45 18.06
C PHE D 99 26.51 36.00 18.55
N GLY D 100 26.63 35.02 17.65
CA GLY D 100 26.69 33.58 18.01
C GLY D 100 25.39 33.06 18.59
N ILE D 101 24.25 33.60 18.20
CA ILE D 101 22.92 33.09 18.62
C ILE D 101 22.18 32.45 17.43
N ASP D 102 21.71 31.23 17.64
CA ASP D 102 20.95 30.39 16.67
C ASP D 102 19.47 30.78 16.69
N ASP D 103 18.84 30.94 15.53
CA ASP D 103 17.44 31.43 15.46
C ASP D 103 16.52 30.51 16.27
N GLN D 104 16.80 29.21 16.30
CA GLN D 104 15.90 28.27 17.03
C GLN D 104 16.08 28.50 18.53
N ASP D 105 17.32 28.70 18.98
CA ASP D 105 17.62 28.93 20.43
C ASP D 105 17.01 30.25 20.87
N TYR D 106 17.02 31.27 20.01
CA TYR D 106 16.41 32.62 20.24
C TYR D 106 14.90 32.45 20.46
N LEU D 107 14.26 31.64 19.63
CA LEU D 107 12.79 31.35 19.72
C LEU D 107 12.52 30.60 21.04
N VAL D 108 13.26 29.52 21.26
CA VAL D 108 13.18 28.71 22.51
C VAL D 108 13.28 29.65 23.71
N SER D 109 14.26 30.56 23.73
CA SER D 109 14.55 31.50 24.84
C SER D 109 13.37 32.45 25.06
N LEU D 110 12.69 32.90 24.01
CA LEU D 110 11.60 33.89 24.15
C LEU D 110 10.26 33.24 24.42
N THR D 111 10.04 31.96 24.05
CA THR D 111 8.66 31.38 23.98
C THR D 111 8.51 30.10 24.80
N ARG D 112 9.55 29.29 24.93
CA ARG D 112 9.42 27.96 25.59
C ARG D 112 8.73 28.15 26.95
N ASN D 113 9.20 29.11 27.75
CA ASN D 113 8.63 29.52 29.06
C ASN D 113 8.36 31.01 29.00
N PRO D 114 7.42 31.58 29.79
CA PRO D 114 7.17 33.02 29.72
C PRO D 114 8.32 33.80 30.36
N PRO D 115 8.61 35.01 29.86
CA PRO D 115 9.63 35.87 30.46
C PRO D 115 9.11 36.46 31.78
N SER D 116 10.03 36.85 32.68
CA SER D 116 9.73 37.61 33.93
C SER D 116 9.68 39.11 33.64
N GLU D 117 8.72 39.74 34.27
CA GLU D 117 8.55 41.20 34.42
C GLU D 117 8.65 41.50 35.92
N SER D 118 9.28 42.64 36.31
CA SER D 118 9.13 43.27 37.65
C SER D 118 7.85 44.13 37.67
N GLU D 119 7.27 44.33 38.86
CA GLU D 119 6.16 45.29 39.10
C GLU D 119 6.47 46.61 38.37
N GLY D 120 5.43 47.26 37.82
CA GLY D 120 5.55 48.57 37.16
C GLY D 120 4.26 48.95 36.45
N SER D 121 3.99 50.26 36.36
CA SER D 121 2.98 50.89 35.48
C SER D 121 3.70 51.65 34.34
N ASP D 122 5.03 51.60 34.38
CA ASP D 122 5.94 52.14 33.34
C ASP D 122 5.96 51.19 32.13
N GLY D 123 6.70 51.58 31.10
CA GLY D 123 7.05 50.75 29.93
C GLY D 123 7.54 49.37 30.33
N ARG D 124 7.22 48.38 29.49
CA ARG D 124 7.53 46.95 29.69
C ARG D 124 9.03 46.73 29.79
N PHE D 125 9.47 45.79 30.60
CA PHE D 125 10.91 45.43 30.68
C PHE D 125 11.03 43.99 31.16
N LEU D 126 11.32 43.09 30.24
CA LEU D 126 11.16 41.64 30.46
C LEU D 126 12.52 40.99 30.35
N ILE D 127 12.71 39.93 31.13
CA ILE D 127 13.92 39.06 30.99
C ILE D 127 13.45 37.66 30.60
N SER D 128 14.07 37.10 29.57
CA SER D 128 13.86 35.69 29.15
C SER D 128 13.89 34.80 30.39
N TYR D 129 13.03 33.77 30.45
CA TYR D 129 13.05 32.78 31.55
C TYR D 129 14.51 32.36 31.81
N ASP D 130 15.29 32.15 30.74
CA ASP D 130 16.67 31.60 30.83
C ASP D 130 17.67 32.73 31.12
N ARG D 131 17.19 33.97 31.20
CA ARG D 131 17.94 35.14 31.71
C ARG D 131 19.08 35.51 30.75
N THR D 132 19.02 35.10 29.48
CA THR D 132 20.02 35.42 28.44
C THR D 132 19.59 36.65 27.65
N LEU D 133 18.30 36.97 27.63
CA LEU D 133 17.77 38.07 26.80
C LEU D 133 16.99 39.05 27.64
N VAL D 134 16.95 40.27 27.12
CA VAL D 134 16.18 41.40 27.67
C VAL D 134 15.28 41.92 26.53
N ILE D 135 14.03 42.21 26.86
CA ILE D 135 13.03 42.77 25.92
C ILE D 135 12.50 44.07 26.55
N LYS D 136 12.91 45.20 25.97
CA LYS D 136 12.61 46.54 26.54
C LYS D 136 11.63 47.24 25.62
N GLU D 137 10.46 47.63 26.11
CA GLU D 137 9.54 48.52 25.36
C GLU D 137 10.24 49.84 25.17
N VAL D 138 10.13 50.42 23.97
CA VAL D 138 10.64 51.79 23.65
C VAL D 138 9.55 52.54 22.90
N SER D 139 9.84 53.77 22.49
CA SER D 139 8.88 54.69 21.82
C SER D 139 9.11 54.64 20.32
N SER D 140 8.14 55.13 19.56
CA SER D 140 8.26 55.25 18.09
C SER D 140 9.51 56.08 17.77
N GLU D 141 9.69 57.23 18.45
CA GLU D 141 10.83 58.14 18.16
C GLU D 141 12.13 57.42 18.45
N ASP D 142 12.17 56.52 19.44
CA ASP D 142 13.36 55.69 19.71
C ASP D 142 13.65 54.83 18.47
N ILE D 143 12.65 54.06 18.02
CA ILE D 143 12.78 53.17 16.83
C ILE D 143 13.29 53.98 15.65
N ALA D 144 12.73 55.16 15.40
CA ALA D 144 13.12 56.08 14.29
C ALA D 144 14.62 56.41 14.38
N ASP D 145 15.13 56.69 15.57
CA ASP D 145 16.57 57.01 15.77
C ASP D 145 17.40 55.76 15.52
N MET D 146 16.99 54.65 16.12
CA MET D 146 17.76 53.38 16.03
C MET D 146 17.88 52.98 14.55
N HIS D 147 16.85 53.24 13.76
CA HIS D 147 16.79 52.83 12.32
C HIS D 147 17.91 53.50 11.54
N SER D 148 18.20 54.78 11.77
CA SER D 148 19.21 55.56 11.02
C SER D 148 20.60 54.93 11.14
N ASN D 149 20.92 54.22 12.23
CA ASN D 149 22.32 53.81 12.50
C ASN D 149 22.51 52.30 12.36
N LEU D 150 21.47 51.60 11.96
CA LEU D 150 21.47 50.12 11.92
C LEU D 150 22.49 49.66 10.90
N SER D 151 22.58 50.34 9.76
CA SER D 151 23.54 49.97 8.69
C SER D 151 24.96 50.14 9.24
N ASN D 152 25.30 51.31 9.78
CA ASN D 152 26.67 51.51 10.30
C ASN D 152 26.93 50.53 11.44
N TYR D 153 25.92 50.29 12.28
CA TYR D 153 26.04 49.36 13.43
C TYR D 153 26.43 48.00 12.88
N HIS D 154 25.71 47.56 11.87
CA HIS D 154 25.97 46.25 11.23
C HIS D 154 27.43 46.22 10.75
N GLN D 155 27.88 47.24 10.00
CA GLN D 155 29.28 47.28 9.48
C GLN D 155 30.23 47.10 10.66
N TYR D 156 30.01 47.89 11.71
CA TYR D 156 30.84 47.89 12.93
C TYR D 156 30.90 46.48 13.51
N ILE D 157 29.75 45.83 13.64
CA ILE D 157 29.66 44.49 14.28
C ILE D 157 30.45 43.49 13.43
N VAL D 158 30.30 43.52 12.10
CA VAL D 158 31.07 42.63 11.19
C VAL D 158 32.55 42.85 11.50
N LYS D 159 32.95 44.12 11.54
CA LYS D 159 34.36 44.56 11.59
C LYS D 159 35.00 44.09 12.90
N CYS D 160 34.26 43.96 14.00
CA CYS D 160 34.80 43.54 15.32
C CYS D 160 34.37 42.12 15.68
N HIS D 161 33.72 41.40 14.74
CA HIS D 161 33.34 39.97 14.91
C HIS D 161 32.41 39.81 16.12
N GLY D 162 31.46 40.72 16.31
CA GLY D 162 30.43 40.66 17.36
C GLY D 162 30.93 40.91 18.77
N ASN D 163 32.18 41.36 18.91
CA ASN D 163 32.85 41.55 20.23
C ASN D 163 32.88 43.04 20.55
N THR D 164 31.97 43.52 21.40
CA THR D 164 31.76 44.96 21.71
C THR D 164 31.10 45.10 23.08
N LEU D 165 31.23 46.27 23.69
CA LEU D 165 30.58 46.58 24.97
C LEU D 165 29.23 47.24 24.67
N LEU D 166 28.99 47.56 23.41
CA LEU D 166 27.69 48.13 22.99
C LEU D 166 26.63 47.08 23.19
N PRO D 167 25.36 47.49 23.26
CA PRO D 167 24.26 46.55 23.33
C PRO D 167 24.28 45.70 22.06
N GLN D 168 23.99 44.41 22.22
CA GLN D 168 23.83 43.45 21.11
C GLN D 168 22.35 43.39 20.75
N PHE D 169 21.92 44.17 19.75
CA PHE D 169 20.51 44.15 19.27
C PHE D 169 20.25 42.86 18.48
N LEU D 170 19.22 42.13 18.86
CA LEU D 170 18.85 40.80 18.34
C LEU D 170 17.54 40.85 17.55
N GLY D 171 16.68 41.84 17.77
CA GLY D 171 15.41 41.92 17.06
C GLY D 171 14.67 43.18 17.46
N MET D 172 13.68 43.59 16.68
CA MET D 172 13.04 44.91 16.86
C MET D 172 11.67 44.89 16.21
N TYR D 173 10.63 45.09 17.01
CA TYR D 173 9.25 44.70 16.66
C TYR D 173 8.26 45.80 17.04
N ARG D 174 7.09 45.81 16.41
CA ARG D 174 5.94 46.63 16.85
C ARG D 174 4.72 45.73 16.98
N VAL D 175 4.41 45.35 18.21
CA VAL D 175 3.16 44.67 18.63
C VAL D 175 2.06 45.73 18.71
N SER D 176 0.85 45.40 18.32
CA SER D 176 -0.34 46.29 18.36
C SER D 176 -1.51 45.44 18.86
N VAL D 177 -2.33 45.97 19.77
CA VAL D 177 -3.57 45.29 20.26
C VAL D 177 -4.65 46.34 20.39
N ASP D 178 -5.63 46.33 19.48
CA ASP D 178 -6.77 47.27 19.39
C ASP D 178 -6.25 48.71 19.28
N ASN D 179 -5.49 48.99 18.21
CA ASN D 179 -5.02 50.33 17.76
C ASN D 179 -3.88 50.82 18.67
N GLU D 180 -3.48 50.05 19.67
CA GLU D 180 -2.50 50.50 20.70
C GLU D 180 -1.15 49.84 20.40
N ASP D 181 -0.25 50.56 19.72
CA ASP D 181 1.09 50.07 19.29
C ASP D 181 2.08 50.18 20.45
N SER D 182 3.01 49.24 20.53
CA SER D 182 4.12 49.18 21.52
C SER D 182 5.35 48.62 20.85
N TYR D 183 6.50 49.31 20.88
CA TYR D 183 7.73 48.94 20.15
C TYR D 183 8.66 48.20 21.10
N MET D 184 9.04 47.00 20.75
CA MET D 184 9.82 46.11 21.65
C MET D 184 11.17 45.90 20.99
N LEU D 185 12.20 45.79 21.80
CA LEU D 185 13.58 45.72 21.31
C LEU D 185 14.28 44.65 22.14
N VAL D 186 14.89 43.68 21.49
CA VAL D 186 15.48 42.52 22.19
C VAL D 186 16.99 42.69 22.12
N MET D 187 17.66 42.53 23.24
CA MET D 187 19.12 42.66 23.37
C MET D 187 19.63 41.48 24.17
N ARG D 188 20.88 41.09 23.97
CA ARG D 188 21.51 40.14 24.89
C ARG D 188 21.60 40.81 26.26
N ASN D 189 21.40 40.04 27.32
CA ASN D 189 21.53 40.48 28.73
C ASN D 189 23.01 40.69 29.01
N MET D 190 23.37 41.91 29.45
CA MET D 190 24.76 42.29 29.83
C MET D 190 25.10 41.59 31.14
N PHE D 191 24.08 41.36 31.97
CA PHE D 191 24.17 40.62 33.27
C PHE D 191 24.10 39.12 33.02
N SER D 192 24.28 38.35 34.09
CA SER D 192 24.55 36.91 34.06
C SER D 192 23.24 36.13 34.22
N HIS D 193 23.20 34.92 33.63
CA HIS D 193 22.09 33.93 33.78
C HIS D 193 22.30 33.11 35.07
N ARG D 194 23.53 33.10 35.63
CA ARG D 194 23.86 32.52 36.97
C ARG D 194 24.11 33.65 37.99
N LEU D 195 25.33 34.20 38.04
CA LEU D 195 25.87 35.07 39.13
C LEU D 195 25.05 36.35 39.23
N PRO D 196 24.25 36.55 40.31
CA PRO D 196 23.43 37.74 40.43
C PRO D 196 24.24 38.99 40.84
N VAL D 197 23.80 40.14 40.39
CA VAL D 197 24.46 41.45 40.63
C VAL D 197 24.09 41.93 42.04
N HIS D 198 25.07 42.30 42.85
CA HIS D 198 24.87 42.80 44.23
C HIS D 198 24.87 44.33 44.25
N ARG D 199 25.69 44.97 43.42
CA ARG D 199 25.81 46.46 43.36
C ARG D 199 25.86 46.86 41.87
N LYS D 200 25.35 48.05 41.57
CA LYS D 200 25.06 48.51 40.18
C LYS D 200 25.31 50.01 40.06
N TYR D 201 26.15 50.41 39.09
CA TYR D 201 26.53 51.83 38.82
C TYR D 201 26.29 52.18 37.36
N ASP D 202 25.82 53.40 37.14
CA ASP D 202 25.69 54.06 35.82
C ASP D 202 26.63 55.27 35.79
N LEU D 203 27.73 55.16 35.06
CA LEU D 203 28.86 56.13 35.12
C LEU D 203 28.94 56.88 33.81
N LYS D 204 28.85 58.21 33.84
CA LYS D 204 28.94 59.07 32.64
C LYS D 204 30.25 59.86 32.64
N GLY D 205 30.80 60.07 33.83
CA GLY D 205 31.90 61.01 34.11
C GLY D 205 31.52 62.44 33.83
N SER D 206 30.35 62.89 34.34
CA SER D 206 29.82 64.27 34.18
C SER D 206 30.65 65.24 35.02
N LEU D 207 30.66 66.52 34.62
CA LEU D 207 31.25 67.61 35.47
C LEU D 207 30.26 67.90 36.59
N VAL D 208 28.95 68.08 36.30
CA VAL D 208 27.88 68.12 37.34
C VAL D 208 27.93 66.82 38.16
N SER D 209 27.58 66.92 39.43
CA SER D 209 27.35 65.79 40.36
C SER D 209 26.24 64.93 39.77
N ARG D 210 26.48 63.62 39.66
CA ARG D 210 25.46 62.59 39.34
C ARG D 210 25.28 61.79 40.63
N GLU D 211 24.09 61.84 41.22
CA GLU D 211 23.82 61.16 42.50
C GLU D 211 22.49 60.40 42.41
N ALA D 212 22.46 59.16 42.90
CA ALA D 212 21.23 58.39 43.14
C ALA D 212 20.37 59.16 44.14
N SER D 213 19.07 59.30 43.89
CA SER D 213 18.12 59.94 44.82
C SER D 213 17.79 58.96 45.96
N ASP D 214 17.24 59.47 47.07
CA ASP D 214 16.87 58.68 48.29
C ASP D 214 15.79 57.67 47.91
N LYS D 215 14.77 58.12 47.16
CA LYS D 215 13.71 57.26 46.60
C LYS D 215 14.35 55.95 46.10
N GLU D 216 15.40 56.10 45.28
CA GLU D 216 16.15 55.02 44.58
C GLU D 216 16.76 54.05 45.60
N LYS D 217 17.52 54.55 46.59
CA LYS D 217 18.38 53.74 47.49
C LYS D 217 17.55 52.83 48.41
N VAL D 218 16.22 52.97 48.40
CA VAL D 218 15.27 52.07 49.13
C VAL D 218 15.09 50.76 48.34
N LYS D 219 15.42 50.75 47.05
CA LYS D 219 15.39 49.53 46.19
C LYS D 219 16.43 48.53 46.68
N GLU D 220 16.22 47.25 46.37
CA GLU D 220 17.05 46.09 46.82
C GLU D 220 18.41 46.19 46.10
N LEU D 221 18.39 46.54 44.82
CA LEU D 221 19.57 46.78 43.95
C LEU D 221 19.42 48.11 43.23
N PRO D 222 19.78 49.24 43.88
CA PRO D 222 19.58 50.55 43.27
C PRO D 222 20.66 50.86 42.21
N THR D 223 20.30 51.66 41.21
CA THR D 223 21.24 52.20 40.19
C THR D 223 21.95 53.42 40.80
N LEU D 224 23.15 53.20 41.34
CA LEU D 224 24.04 54.25 41.87
C LEU D 224 24.69 55.00 40.70
N LYS D 225 25.24 56.20 40.95
CA LYS D 225 25.79 57.05 39.86
C LYS D 225 27.20 57.50 40.22
N ASP D 226 27.78 58.41 39.43
CA ASP D 226 29.19 58.86 39.50
C ASP D 226 29.59 59.19 40.94
N MET D 227 28.88 60.12 41.56
CA MET D 227 29.25 60.68 42.88
C MET D 227 29.17 59.56 43.93
N ASP D 228 28.16 58.69 43.83
CA ASP D 228 27.99 57.52 44.73
C ASP D 228 29.20 56.60 44.54
N PHE D 229 29.76 56.54 43.34
CA PHE D 229 30.93 55.69 43.01
C PHE D 229 32.17 56.26 43.70
N LEU D 230 32.32 57.58 43.61
CA LEU D 230 33.48 58.33 44.15
C LEU D 230 33.43 58.32 45.70
N ASN D 231 32.25 58.56 46.28
CA ASN D 231 32.02 58.61 47.76
C ASN D 231 32.28 57.24 48.39
N LYS D 232 31.81 56.15 47.79
CA LYS D 232 32.02 54.78 48.33
C LYS D 232 33.48 54.39 48.04
N ASN D 233 34.21 55.23 47.31
CA ASN D 233 35.65 55.01 47.00
C ASN D 233 35.83 53.75 46.16
N GLN D 234 34.84 53.42 45.32
CA GLN D 234 34.81 52.13 44.58
C GLN D 234 35.91 52.21 43.52
N LYS D 235 36.68 51.12 43.40
CA LYS D 235 37.66 50.87 42.31
C LYS D 235 37.35 49.50 41.72
N VAL D 236 37.82 49.22 40.50
CA VAL D 236 37.66 47.92 39.80
C VAL D 236 39.05 47.29 39.64
N TYR D 237 39.24 46.08 40.15
CA TYR D 237 40.57 45.39 40.21
C TYR D 237 40.57 44.19 39.29
N ILE D 238 41.16 44.28 38.08
CA ILE D 238 41.03 43.18 37.07
C ILE D 238 42.37 42.65 36.54
N GLY D 239 43.49 43.39 36.58
CA GLY D 239 44.76 42.88 36.04
C GLY D 239 45.01 43.29 34.58
N GLU D 240 46.28 43.36 34.19
CA GLU D 240 46.76 44.21 33.06
C GLU D 240 46.33 43.58 31.72
N GLU D 241 46.31 42.24 31.61
CA GLU D 241 45.88 41.47 30.41
C GLU D 241 44.44 41.83 30.06
N GLU D 242 43.56 41.66 31.05
CA GLU D 242 42.08 41.82 30.96
C GLU D 242 41.72 43.30 30.74
N LYS D 243 42.54 44.19 31.29
CA LYS D 243 42.35 45.66 31.27
C LYS D 243 42.72 46.18 29.87
N LYS D 244 43.81 45.67 29.31
CA LYS D 244 44.29 46.02 27.94
C LYS D 244 43.18 45.68 26.93
N ILE D 245 42.57 44.52 27.10
CA ILE D 245 41.46 44.02 26.27
C ILE D 245 40.27 44.97 26.42
N PHE D 246 39.82 45.20 27.67
CA PHE D 246 38.62 45.99 27.99
C PHE D 246 38.75 47.39 27.38
N LEU D 247 39.90 48.02 27.59
CA LEU D 247 40.12 49.44 27.19
C LEU D 247 40.28 49.55 25.67
N GLU D 248 40.88 48.55 24.99
CA GLU D 248 41.00 48.57 23.50
C GLU D 248 39.59 48.46 22.93
N LYS D 249 38.73 47.65 23.55
CA LYS D 249 37.31 47.49 23.18
C LYS D 249 36.56 48.83 23.35
N LEU D 250 36.64 49.39 24.55
CA LEU D 250 35.93 50.65 24.89
C LEU D 250 36.35 51.75 23.93
N LYS D 251 37.64 51.85 23.63
CA LYS D 251 38.20 52.92 22.74
C LYS D 251 37.45 52.91 21.40
N ARG D 252 37.40 51.76 20.71
CA ARG D 252 36.82 51.70 19.35
C ARG D 252 35.29 51.77 19.48
N ASP D 253 34.70 51.17 20.52
CA ASP D 253 33.24 51.33 20.80
C ASP D 253 32.89 52.83 20.89
N VAL D 254 33.74 53.61 21.59
CA VAL D 254 33.47 55.04 21.86
C VAL D 254 33.77 55.85 20.59
N GLU D 255 34.86 55.50 19.90
CA GLU D 255 35.19 56.16 18.61
C GLU D 255 33.98 56.06 17.69
N PHE D 256 33.38 54.87 17.63
CA PHE D 256 32.17 54.58 16.83
C PHE D 256 31.02 55.49 17.28
N LEU D 257 30.78 55.61 18.57
CA LEU D 257 29.63 56.43 19.05
C LEU D 257 29.84 57.89 18.66
N VAL D 258 31.10 58.34 18.61
CA VAL D 258 31.46 59.73 18.19
C VAL D 258 31.14 59.90 16.70
N GLN D 259 31.67 58.97 15.92
CA GLN D 259 31.40 58.83 14.47
C GLN D 259 29.91 59.05 14.24
N LEU D 260 29.05 58.41 15.04
CA LEU D 260 27.57 58.49 14.90
C LEU D 260 27.03 59.78 15.53
N LYS D 261 27.89 60.67 16.03
CA LYS D 261 27.46 61.93 16.70
C LYS D 261 26.52 61.61 17.87
N ILE D 262 26.78 60.53 18.61
CA ILE D 262 25.93 60.10 19.78
C ILE D 262 26.65 60.47 21.07
N MET D 263 25.92 60.88 22.10
CA MET D 263 26.48 61.15 23.45
C MET D 263 25.41 60.93 24.51
N ASP D 264 25.71 61.20 25.79
CA ASP D 264 24.80 60.98 26.95
C ASP D 264 24.65 59.46 27.19
N TYR D 265 25.65 58.68 26.77
CA TYR D 265 25.80 57.24 27.13
C TYR D 265 26.56 57.11 28.45
N SER D 266 26.41 55.95 29.08
CA SER D 266 26.98 55.62 30.42
C SER D 266 27.72 54.30 30.32
N LEU D 267 28.65 54.02 31.21
CA LEU D 267 29.11 52.63 31.37
C LEU D 267 28.27 52.02 32.47
N LEU D 268 27.52 50.99 32.17
CA LEU D 268 26.85 50.20 33.23
C LEU D 268 27.89 49.29 33.84
N LEU D 269 28.00 49.32 35.17
CA LEU D 269 28.92 48.46 35.94
C LEU D 269 28.09 47.77 37.03
N GLY D 270 27.96 46.45 36.90
CA GLY D 270 27.37 45.58 37.93
C GLY D 270 28.47 44.78 38.62
N ILE D 271 28.39 44.63 39.95
CA ILE D 271 29.38 43.85 40.73
C ILE D 271 28.69 42.72 41.49
N HIS D 272 29.25 41.52 41.35
CA HIS D 272 28.88 40.29 42.08
C HIS D 272 29.96 40.04 43.14
N ASP D 273 29.63 40.21 44.41
CA ASP D 273 30.43 39.77 45.58
C ASP D 273 30.25 38.25 45.74
N ILE D 274 31.13 37.54 46.45
CA ILE D 274 30.95 36.09 46.77
C ILE D 274 30.01 35.93 47.98
N ILE D 275 28.70 36.09 47.69
CA ILE D 275 27.46 35.60 48.36
C ILE D 275 26.60 36.80 48.83
N ARG D 276 27.17 38.00 48.94
CA ARG D 276 26.49 39.25 49.44
C ARG D 276 25.00 39.21 49.05
N LEU D 284 27.47 28.82 45.11
CA LEU D 284 27.15 27.71 44.18
C LEU D 284 28.25 27.59 43.10
N GLY D 285 28.72 28.73 42.53
CA GLY D 285 29.75 28.80 41.48
C GLY D 285 31.09 29.37 41.96
N PRO D 286 32.05 28.54 42.47
CA PRO D 286 33.24 29.00 43.19
C PRO D 286 34.55 29.10 42.38
N GLY D 287 35.64 28.47 42.84
CA GLY D 287 36.91 28.37 42.10
C GLY D 287 36.81 27.48 40.86
N GLU D 288 35.66 27.46 40.16
CA GLU D 288 35.52 26.78 38.84
C GLU D 288 35.58 27.87 37.76
N PHE D 289 36.82 28.28 37.43
CA PHE D 289 37.18 29.46 36.57
C PHE D 289 36.84 29.15 35.09
N GLU D 290 37.27 30.04 34.18
CA GLU D 290 36.87 30.02 32.74
C GLU D 290 35.34 29.90 32.69
N SER D 291 34.67 30.84 33.35
CA SER D 291 33.19 30.92 33.59
C SER D 291 32.61 32.08 32.77
N PHE D 292 32.94 32.11 31.47
CA PHE D 292 32.78 33.24 30.51
C PHE D 292 31.70 32.91 29.46
N ILE D 293 30.51 32.50 29.91
CA ILE D 293 29.27 32.30 29.08
C ILE D 293 28.67 33.71 28.82
N ASP D 294 28.66 34.59 29.83
CA ASP D 294 28.38 36.04 29.65
C ASP D 294 29.58 36.78 29.06
N VAL D 295 29.27 37.60 28.06
CA VAL D 295 30.22 38.21 27.11
C VAL D 295 30.81 39.48 27.73
N TYR D 296 30.16 40.02 28.76
CA TYR D 296 30.46 41.34 29.34
C TYR D 296 31.26 41.18 30.66
N ALA D 297 31.58 39.94 31.07
CA ALA D 297 32.03 39.63 32.46
C ALA D 297 33.55 39.59 32.56
N ILE D 298 34.11 40.04 33.68
CA ILE D 298 35.58 40.01 33.98
C ILE D 298 35.76 39.68 35.48
N ARG D 299 36.63 38.72 35.80
CA ARG D 299 36.94 38.31 37.21
C ARG D 299 37.96 39.30 37.82
N SER D 300 37.81 39.55 39.12
CA SER D 300 38.82 40.19 40.01
C SER D 300 40.20 39.57 39.77
N ALA D 301 41.23 40.42 39.69
CA ALA D 301 42.67 40.03 39.67
C ALA D 301 43.02 39.23 40.92
N GLU D 302 44.16 38.54 40.81
CA GLU D 302 44.96 37.86 41.86
C GLU D 302 45.02 38.75 43.12
N GLY D 303 45.52 39.98 42.99
CA GLY D 303 45.85 40.86 44.14
C GLY D 303 44.61 41.40 44.85
N ALA D 304 43.46 41.42 44.15
CA ALA D 304 42.26 42.23 44.47
C ALA D 304 41.91 42.14 45.96
N PRO D 305 41.48 43.27 46.59
CA PRO D 305 40.93 43.26 47.94
C PRO D 305 39.55 42.62 48.11
N GLN D 306 38.90 42.16 47.02
CA GLN D 306 37.60 41.45 47.11
C GLN D 306 37.47 40.45 45.95
N LYS D 307 36.88 39.29 46.26
CA LYS D 307 36.58 38.20 45.30
C LYS D 307 35.26 38.57 44.61
N GLU D 308 35.38 39.30 43.50
CA GLU D 308 34.31 40.06 42.79
C GLU D 308 34.30 39.65 41.31
N VAL D 309 33.13 39.70 40.66
CA VAL D 309 32.99 39.62 39.17
C VAL D 309 32.35 40.92 38.72
N TYR D 310 32.88 41.50 37.64
CA TYR D 310 32.45 42.79 37.05
C TYR D 310 31.72 42.54 35.72
N PHE D 311 30.62 43.27 35.54
CA PHE D 311 29.81 43.27 34.30
C PHE D 311 29.75 44.70 33.78
N MET D 312 30.41 44.97 32.67
CA MET D 312 30.46 46.34 32.12
C MET D 312 30.01 46.34 30.67
N GLY D 313 29.12 47.27 30.29
CA GLY D 313 28.76 47.55 28.88
C GLY D 313 28.22 48.94 28.70
N LEU D 314 28.18 49.48 27.46
CA LEU D 314 27.68 50.86 27.21
C LEU D 314 26.14 50.88 27.16
N ILE D 315 25.49 51.89 27.73
CA ILE D 315 24.01 52.02 27.73
C ILE D 315 23.58 53.48 27.56
N ASP D 316 22.28 53.73 27.70
CA ASP D 316 21.60 55.00 27.31
C ASP D 316 20.34 55.10 28.16
N ILE D 317 19.66 56.25 28.18
CA ILE D 317 18.25 56.31 28.68
C ILE D 317 17.41 55.31 27.84
N LEU D 318 17.72 55.20 26.56
CA LEU D 318 17.09 54.25 25.61
C LEU D 318 17.34 52.78 26.03
N THR D 319 18.59 52.42 26.33
CA THR D 319 19.05 51.01 26.45
C THR D 319 19.19 50.59 27.91
N GLN D 320 18.81 51.46 28.87
CA GLN D 320 18.88 51.26 30.35
C GLN D 320 18.28 49.92 30.78
N TYR D 321 18.80 49.32 31.85
CA TYR D 321 18.35 48.01 32.41
C TYR D 321 17.21 48.25 33.40
N ASP D 322 16.25 49.11 33.00
CA ASP D 322 15.04 49.54 33.76
C ASP D 322 13.96 49.98 32.75
N ALA D 323 12.72 50.17 33.20
CA ALA D 323 11.58 50.58 32.35
C ALA D 323 11.88 51.94 31.72
N LYS D 324 11.25 52.27 30.58
CA LYS D 324 11.17 53.67 30.06
C LYS D 324 10.11 54.42 30.90
N LYS D 325 10.34 55.72 31.13
CA LYS D 325 9.42 56.64 31.88
C LYS D 325 8.60 57.45 30.86
N HIS D 346 30.64 68.86 20.57
CA HIS D 346 30.28 68.40 21.94
C HIS D 346 30.52 66.89 22.11
N PRO D 347 30.09 65.99 21.20
CA PRO D 347 30.25 64.55 21.39
C PRO D 347 31.71 64.07 21.53
N GLU D 348 32.63 64.80 20.88
CA GLU D 348 34.09 64.52 20.97
C GLU D 348 34.55 64.78 22.41
N GLN D 349 33.99 65.83 23.01
CA GLN D 349 34.25 66.27 24.41
C GLN D 349 33.68 65.24 25.36
N TYR D 350 32.39 64.89 25.18
CA TYR D 350 31.66 63.90 26.03
C TYR D 350 32.52 62.65 26.14
N ALA D 351 33.07 62.18 25.03
CA ALA D 351 33.91 60.96 24.94
C ALA D 351 35.14 61.11 25.82
N LYS D 352 35.91 62.18 25.62
CA LYS D 352 37.17 62.43 26.37
C LYS D 352 36.88 62.47 27.87
N ARG D 353 35.88 63.21 28.30
CA ARG D 353 35.50 63.29 29.73
C ARG D 353 35.13 61.89 30.23
N PHE D 354 34.25 61.23 29.47
CA PHE D 354 33.76 59.86 29.75
C PHE D 354 34.96 58.90 29.90
N LEU D 355 35.92 58.93 28.98
CA LEU D 355 37.07 57.99 29.00
C LEU D 355 37.97 58.30 30.18
N ASP D 356 38.34 59.57 30.37
CA ASP D 356 39.08 60.02 31.56
C ASP D 356 38.40 59.39 32.77
N PHE D 357 37.10 59.59 32.92
CA PHE D 357 36.39 59.13 34.14
C PHE D 357 36.58 57.62 34.30
N ILE D 358 36.34 56.85 33.25
CA ILE D 358 36.23 55.38 33.46
C ILE D 358 37.65 54.79 33.42
N THR D 359 38.65 55.51 32.92
CA THR D 359 40.06 55.05 33.03
C THR D 359 40.50 55.16 34.48
N ASN D 360 39.86 56.02 35.27
CA ASN D 360 40.15 56.22 36.71
C ASN D 360 39.28 55.33 37.61
N ILE D 361 38.70 54.23 37.11
CA ILE D 361 38.00 53.27 38.00
C ILE D 361 38.93 52.07 38.23
N PHE D 362 40.09 52.04 37.52
CA PHE D 362 40.74 50.87 36.85
C PHE D 362 39.79 50.16 35.85
#